data_1T0N
#
_entry.id   1T0N
#
_cell.length_a   66.280
_cell.length_b   90.230
_cell.length_c   89.150
_cell.angle_alpha   90.00
_cell.angle_beta   111.50
_cell.angle_gamma   90.00
#
_symmetry.space_group_name_H-M   'P 1 21 1'
#
loop_
_entity.id
_entity.type
_entity.pdbx_description
1 polymer 'H-2 class I histocompatibility antigen, K-B alpha chain'
2 polymer Beta-2-microglobulin
3 polymer 'Glycoprotein B'
4 water water
#
loop_
_entity_poly.entity_id
_entity_poly.type
_entity_poly.pdbx_seq_one_letter_code
_entity_poly.pdbx_strand_id
1 'polypeptide(L)'
;GPHSLRYFVTAVSRPGLGEPRFISVGYVDNTEFVRFDSDAENPRYEPRARWMEQEGPEYWERETQKAKGNEQSFRVDLRT
LLGYYNQSKGGSHTIQVISGCEVGSDGRLLRGYQQYAYDGCDYIALNEDLKTWTAADMAALITKHKWEQAGEAERLRAYL
EGTCVEWLRRYLKNGNATLLRTDSPKAHVTHHSRPEDKVTLRCWALGFYPADITLTWQLNGEELIQDMELVETRPAGDGT
FQKWASVVVPLGKEQYYTCHVYHQGLPEPLTLRWEPPP
;
A,D
2 'polypeptide(L)'
;IQKTPQIQVYSRHPPENGKPNILNCYVTQFHPPHIEIQMLKNGKKIPKVEMSDMSFSKDWSFYILAHTEFTPTETDTYAC
RVKHDSMAEPKTVYWDRDM
;
B,E
3 'polypeptide(L)' SSIEFARL P,Q
#
# COMPACT_ATOMS: atom_id res chain seq x y z
N GLY A 1 38.21 1.36 7.85
CA GLY A 1 37.04 1.17 6.97
C GLY A 1 35.89 2.09 7.33
N PRO A 2 34.69 1.86 6.79
CA PRO A 2 33.53 2.69 7.10
C PRO A 2 32.91 2.37 8.46
N HIS A 3 32.18 3.33 9.01
CA HIS A 3 31.51 3.15 10.30
C HIS A 3 30.14 3.81 10.20
N SER A 4 29.24 3.45 11.11
CA SER A 4 27.91 4.03 11.08
C SER A 4 27.25 4.16 12.45
N LEU A 5 26.36 5.14 12.56
CA LEU A 5 25.60 5.38 13.77
C LEU A 5 24.16 5.55 13.29
N ARG A 6 23.30 4.62 13.66
CA ARG A 6 21.91 4.69 13.24
C ARG A 6 20.97 4.31 14.37
N TYR A 7 19.79 4.94 14.37
CA TYR A 7 18.78 4.66 15.37
C TYR A 7 17.60 4.02 14.65
N PHE A 8 17.14 2.90 15.19
CA PHE A 8 16.01 2.14 14.66
C PHE A 8 14.91 2.38 15.68
N VAL A 9 13.85 3.06 15.24
CA VAL A 9 12.77 3.44 16.13
C VAL A 9 11.44 2.86 15.70
N THR A 10 10.65 2.41 16.68
CA THR A 10 9.35 1.82 16.41
C THR A 10 8.29 2.32 17.39
N ALA A 11 7.09 2.58 16.87
CA ALA A 11 5.96 3.01 17.69
C ALA A 11 4.82 2.11 17.23
N VAL A 12 4.19 1.42 18.18
CA VAL A 12 3.08 0.52 17.88
C VAL A 12 1.86 0.89 18.73
N SER A 13 0.77 1.28 18.07
CA SER A 13 -0.45 1.66 18.78
C SER A 13 -1.11 0.40 19.32
N ARG A 14 -1.82 0.55 20.43
CA ARG A 14 -2.49 -0.57 21.07
C ARG A 14 -3.83 -0.07 21.59
N PRO A 15 -4.73 0.32 20.68
CA PRO A 15 -6.05 0.82 21.08
C PRO A 15 -6.74 -0.10 22.08
N GLY A 16 -7.31 0.50 23.12
CA GLY A 16 -7.99 -0.27 24.14
C GLY A 16 -7.09 -1.05 25.08
N LEU A 17 -5.78 -0.89 24.94
CA LEU A 17 -4.84 -1.60 25.82
C LEU A 17 -3.80 -0.68 26.47
N GLY A 18 -3.83 0.60 26.11
CA GLY A 18 -2.88 1.54 26.69
C GLY A 18 -2.20 2.41 25.66
N GLU A 19 -1.15 3.09 26.08
CA GLU A 19 -0.39 3.98 25.19
C GLU A 19 0.46 3.19 24.20
N PRO A 20 0.80 3.79 23.06
CA PRO A 20 1.62 3.07 22.08
C PRO A 20 2.94 2.59 22.70
N ARG A 21 3.42 1.45 22.24
CA ARG A 21 4.70 0.91 22.71
C ARG A 21 5.75 1.64 21.86
N PHE A 22 6.73 2.26 22.50
CA PHE A 22 7.76 3.01 21.77
C PHE A 22 9.14 2.48 22.15
N ILE A 23 9.92 2.12 21.14
CA ILE A 23 11.25 1.57 21.35
C ILE A 23 12.25 2.23 20.40
N SER A 24 13.37 2.67 20.95
CA SER A 24 14.42 3.31 20.17
C SER A 24 15.73 2.59 20.46
N VAL A 25 16.34 2.04 19.41
CA VAL A 25 17.59 1.31 19.56
C VAL A 25 18.68 1.98 18.75
N GLY A 26 19.81 2.24 19.40
CA GLY A 26 20.92 2.87 18.71
C GLY A 26 21.97 1.82 18.37
N TYR A 27 22.56 1.95 17.18
CA TYR A 27 23.59 1.02 16.74
C TYR A 27 24.84 1.76 16.24
N VAL A 28 26.01 1.22 16.59
CA VAL A 28 27.27 1.75 16.10
C VAL A 28 27.86 0.57 15.35
N ASP A 29 28.24 0.80 14.09
CA ASP A 29 28.81 -0.26 13.26
C ASP A 29 27.95 -1.52 13.34
N ASN A 30 26.64 -1.33 13.35
CA ASN A 30 25.66 -2.41 13.40
C ASN A 30 25.61 -3.21 14.71
N THR A 31 26.08 -2.60 15.80
CA THR A 31 26.08 -3.22 17.13
C THR A 31 25.25 -2.35 18.08
N GLU A 32 24.24 -2.94 18.71
CA GLU A 32 23.38 -2.18 19.64
C GLU A 32 24.20 -1.61 20.80
N PHE A 33 24.08 -0.32 21.08
CA PHE A 33 24.82 0.29 22.19
C PHE A 33 23.96 1.08 23.18
N VAL A 34 22.74 1.43 22.77
CA VAL A 34 21.80 2.13 23.65
C VAL A 34 20.38 1.69 23.31
N ARG A 35 19.49 1.71 24.29
CA ARG A 35 18.11 1.31 24.06
C ARG A 35 17.14 2.03 24.97
N PHE A 36 16.02 2.47 24.40
CA PHE A 36 14.96 3.14 25.17
C PHE A 36 13.70 2.35 24.88
N ASP A 37 12.99 1.95 25.93
CA ASP A 37 11.76 1.19 25.79
C ASP A 37 10.71 1.84 26.69
N SER A 38 9.64 2.35 26.09
CA SER A 38 8.59 3.03 26.85
C SER A 38 7.87 2.15 27.86
N ASP A 39 8.06 0.84 27.75
CA ASP A 39 7.41 -0.12 28.63
C ASP A 39 7.95 -0.12 30.07
N ALA A 40 7.92 1.03 30.73
CA ALA A 40 8.40 1.14 32.10
C ALA A 40 7.80 2.33 32.86
N GLU A 41 7.88 2.28 34.19
CA GLU A 41 7.36 3.34 35.04
C GLU A 41 8.11 4.64 34.81
N ASN A 42 9.43 4.53 34.70
CA ASN A 42 10.28 5.69 34.49
C ASN A 42 11.28 5.32 33.40
N PRO A 43 10.81 5.23 32.15
CA PRO A 43 11.62 4.87 30.99
C PRO A 43 12.81 5.80 30.78
N ARG A 44 13.94 5.20 30.42
CA ARG A 44 15.17 5.96 30.20
C ARG A 44 16.06 5.23 29.19
N TYR A 45 16.93 5.97 28.52
CA TYR A 45 17.84 5.36 27.59
C TYR A 45 18.81 4.58 28.47
N GLU A 46 19.23 3.41 28.01
CA GLU A 46 20.16 2.61 28.79
C GLU A 46 21.33 2.10 27.96
N PRO A 47 22.49 1.93 28.62
CA PRO A 47 23.68 1.43 27.93
C PRO A 47 23.42 -0.03 27.56
N ARG A 48 23.86 -0.44 26.37
CA ARG A 48 23.67 -1.81 25.94
C ARG A 48 25.03 -2.40 25.63
N ALA A 49 26.06 -1.60 25.88
CA ALA A 49 27.45 -1.98 25.66
C ALA A 49 28.20 -1.38 26.85
N ARG A 50 29.09 -2.16 27.45
CA ARG A 50 29.83 -1.69 28.62
C ARG A 50 30.56 -0.37 28.40
N TRP A 51 31.15 -0.20 27.22
CA TRP A 51 31.90 1.03 26.94
C TRP A 51 31.06 2.30 26.98
N MET A 52 29.73 2.18 27.00
CA MET A 52 28.88 3.35 27.06
C MET A 52 28.67 3.83 28.48
N GLU A 53 29.00 2.99 29.45
CA GLU A 53 28.83 3.37 30.84
C GLU A 53 29.69 4.59 31.17
N GLN A 54 30.62 4.90 30.26
CA GLN A 54 31.51 6.04 30.42
C GLN A 54 30.77 7.37 30.36
N GLU A 55 29.69 7.43 29.59
CA GLU A 55 28.93 8.67 29.46
C GLU A 55 28.34 9.07 30.80
N GLY A 56 28.43 10.37 31.09
CA GLY A 56 27.92 10.89 32.36
C GLY A 56 26.42 11.08 32.41
N PRO A 57 25.89 11.48 33.57
CA PRO A 57 24.45 11.71 33.79
C PRO A 57 23.80 12.72 32.85
N GLU A 58 24.52 13.76 32.46
CA GLU A 58 23.92 14.75 31.58
C GLU A 58 23.61 14.13 30.21
N TYR A 59 24.48 13.24 29.74
CA TYR A 59 24.25 12.58 28.46
C TYR A 59 22.97 11.75 28.51
N TRP A 60 22.87 10.88 29.52
CA TRP A 60 21.69 10.02 29.65
C TRP A 60 20.40 10.80 29.84
N GLU A 61 20.48 11.90 30.58
CA GLU A 61 19.31 12.73 30.81
C GLU A 61 18.85 13.36 29.50
N ARG A 62 19.80 13.93 28.78
CA ARG A 62 19.50 14.58 27.51
C ARG A 62 18.90 13.63 26.47
N GLU A 63 19.50 12.45 26.32
CA GLU A 63 19.03 11.47 25.36
C GLU A 63 17.63 10.96 25.77
N THR A 64 17.43 10.75 27.06
CA THR A 64 16.15 10.27 27.56
C THR A 64 15.03 11.27 27.29
N GLN A 65 15.32 12.55 27.49
CA GLN A 65 14.33 13.59 27.26
C GLN A 65 13.99 13.64 25.78
N LYS A 66 15.00 13.46 24.94
CA LYS A 66 14.81 13.48 23.50
C LYS A 66 13.99 12.27 23.04
N ALA A 67 14.22 11.12 23.66
CA ALA A 67 13.47 9.93 23.30
C ALA A 67 12.01 10.09 23.70
N LYS A 68 11.76 10.60 24.91
CA LYS A 68 10.38 10.81 25.35
C LYS A 68 9.70 11.83 24.45
N GLY A 69 10.48 12.77 23.94
CA GLY A 69 9.94 13.77 23.03
C GLY A 69 9.52 13.11 21.74
N ASN A 70 10.40 12.26 21.19
CA ASN A 70 10.08 11.54 19.96
C ASN A 70 8.93 10.57 20.18
N GLU A 71 8.85 10.00 21.38
CA GLU A 71 7.77 9.06 21.69
C GLU A 71 6.42 9.75 21.55
N GLN A 72 6.29 10.92 22.15
CA GLN A 72 5.03 11.62 22.09
C GLN A 72 4.76 12.10 20.66
N SER A 73 5.83 12.41 19.93
CA SER A 73 5.71 12.84 18.54
C SER A 73 5.19 11.68 17.67
N PHE A 74 5.64 10.48 17.95
CA PHE A 74 5.17 9.32 17.20
C PHE A 74 3.73 9.01 17.57
N ARG A 75 3.38 9.27 18.82
CA ARG A 75 2.02 9.06 19.30
C ARG A 75 1.09 9.90 18.43
N VAL A 76 1.47 11.16 18.22
CA VAL A 76 0.69 12.07 17.39
C VAL A 76 0.70 11.61 15.93
N ASP A 77 1.85 11.16 15.44
CA ASP A 77 1.95 10.69 14.05
C ASP A 77 1.04 9.51 13.79
N LEU A 78 0.91 8.61 14.76
CA LEU A 78 0.03 7.46 14.58
C LEU A 78 -1.39 7.96 14.32
N ARG A 79 -1.85 8.92 15.12
CA ARG A 79 -3.19 9.46 14.92
C ARG A 79 -3.29 10.16 13.57
N THR A 80 -2.27 10.94 13.23
CA THR A 80 -2.23 11.65 11.97
C THR A 80 -2.39 10.70 10.78
N LEU A 81 -1.67 9.57 10.81
CA LEU A 81 -1.75 8.61 9.72
C LEU A 81 -3.11 7.92 9.63
N LEU A 82 -3.81 7.79 10.75
CA LEU A 82 -5.14 7.18 10.71
C LEU A 82 -6.03 8.08 9.85
N GLY A 83 -5.77 9.38 9.94
CA GLY A 83 -6.52 10.35 9.15
C GLY A 83 -6.12 10.30 7.69
N TYR A 84 -4.81 10.33 7.42
CA TYR A 84 -4.31 10.27 6.05
C TYR A 84 -4.84 9.07 5.29
N TYR A 85 -4.92 7.92 5.96
CA TYR A 85 -5.38 6.68 5.35
C TYR A 85 -6.85 6.36 5.61
N ASN A 86 -7.54 7.21 6.36
CA ASN A 86 -8.94 7.00 6.68
C ASN A 86 -9.15 5.62 7.31
N GLN A 87 -8.38 5.31 8.36
CA GLN A 87 -8.47 4.03 9.04
C GLN A 87 -9.18 4.16 10.40
N SER A 88 -9.68 3.04 10.91
CA SER A 88 -10.37 3.02 12.20
C SER A 88 -9.42 3.29 13.37
N LYS A 89 -10.00 3.67 14.51
CA LYS A 89 -9.19 3.94 15.68
C LYS A 89 -9.07 2.68 16.54
N GLY A 90 -9.63 1.58 16.06
CA GLY A 90 -9.56 0.34 16.82
C GLY A 90 -8.47 -0.64 16.44
N GLY A 91 -7.75 -0.35 15.36
CA GLY A 91 -6.70 -1.26 14.93
C GLY A 91 -5.30 -0.85 15.36
N SER A 92 -4.40 -1.83 15.44
CA SER A 92 -3.01 -1.56 15.81
C SER A 92 -2.21 -1.26 14.56
N HIS A 93 -1.41 -0.19 14.60
CA HIS A 93 -0.58 0.19 13.46
C HIS A 93 0.85 0.45 13.94
N THR A 94 1.80 0.39 13.02
CA THR A 94 3.20 0.57 13.35
C THR A 94 3.89 1.63 12.50
N ILE A 95 4.74 2.43 13.14
CA ILE A 95 5.53 3.41 12.43
C ILE A 95 6.97 3.07 12.81
N GLN A 96 7.84 3.01 11.81
CA GLN A 96 9.25 2.71 12.04
C GLN A 96 10.11 3.73 11.32
N VAL A 97 11.28 4.00 11.88
CA VAL A 97 12.20 4.93 11.28
C VAL A 97 13.63 4.41 11.44
N ILE A 98 14.46 4.65 10.42
CA ILE A 98 15.88 4.31 10.47
C ILE A 98 16.50 5.66 10.20
N SER A 99 17.26 6.15 11.18
CA SER A 99 17.88 7.46 11.09
C SER A 99 19.36 7.37 11.45
N GLY A 100 20.21 7.95 10.62
CA GLY A 100 21.62 7.87 10.94
C GLY A 100 22.58 8.15 9.83
N CYS A 101 23.87 7.99 10.14
CA CYS A 101 24.93 8.28 9.21
C CYS A 101 25.92 7.13 9.01
N GLU A 102 26.43 7.01 7.79
CA GLU A 102 27.44 6.02 7.50
C GLU A 102 28.61 6.88 7.06
N VAL A 103 29.76 6.75 7.71
CA VAL A 103 30.92 7.56 7.38
C VAL A 103 32.08 6.72 6.86
N GLY A 104 32.84 7.29 5.94
CA GLY A 104 33.97 6.57 5.38
C GLY A 104 35.20 6.72 6.26
N SER A 105 36.29 6.07 5.83
CA SER A 105 37.55 6.11 6.56
C SER A 105 38.08 7.53 6.73
N ASP A 106 37.77 8.40 5.77
CA ASP A 106 38.25 9.79 5.83
C ASP A 106 37.39 10.68 6.71
N GLY A 107 36.38 10.10 7.35
CA GLY A 107 35.52 10.87 8.23
C GLY A 107 34.39 11.63 7.54
N ARG A 108 34.28 11.49 6.22
CA ARG A 108 33.22 12.17 5.49
C ARG A 108 31.98 11.28 5.38
N LEU A 109 30.82 11.91 5.39
CA LEU A 109 29.55 11.19 5.27
C LEU A 109 29.47 10.47 3.94
N LEU A 110 29.21 9.17 3.98
CA LEU A 110 29.08 8.36 2.78
C LEU A 110 27.61 8.31 2.40
N ARG A 111 26.76 8.23 3.42
CA ARG A 111 25.32 8.16 3.18
C ARG A 111 24.58 8.51 4.45
N GLY A 112 23.55 9.34 4.32
CA GLY A 112 22.74 9.74 5.46
C GLY A 112 21.41 9.02 5.34
N TYR A 113 20.83 8.64 6.46
CA TYR A 113 19.55 7.94 6.46
C TYR A 113 18.47 8.62 7.28
N GLN A 114 17.27 8.63 6.73
CA GLN A 114 16.10 9.18 7.40
C GLN A 114 14.93 8.65 6.60
N GLN A 115 14.59 7.37 6.86
CA GLN A 115 13.52 6.68 6.16
C GLN A 115 12.43 6.21 7.13
N TYR A 116 11.18 6.28 6.67
CA TYR A 116 10.02 5.90 7.47
C TYR A 116 9.22 4.79 6.82
N ALA A 117 8.51 4.01 7.65
CA ALA A 117 7.65 2.94 7.18
C ALA A 117 6.40 2.94 8.04
N TYR A 118 5.26 2.68 7.39
CA TYR A 118 4.00 2.61 8.10
C TYR A 118 3.47 1.21 7.82
N ASP A 119 3.14 0.48 8.89
CA ASP A 119 2.66 -0.88 8.79
C ASP A 119 3.54 -1.78 7.93
N GLY A 120 4.85 -1.63 8.09
CA GLY A 120 5.81 -2.46 7.37
C GLY A 120 6.11 -2.10 5.92
N CYS A 121 5.59 -0.97 5.46
CA CYS A 121 5.81 -0.53 4.08
C CYS A 121 6.46 0.85 4.02
N ASP A 122 7.36 1.05 3.07
CA ASP A 122 8.01 2.35 2.93
C ASP A 122 6.95 3.44 2.92
N TYR A 123 7.24 4.55 3.59
CA TYR A 123 6.33 5.68 3.64
C TYR A 123 7.05 6.85 2.95
N ILE A 124 8.13 7.34 3.55
CA ILE A 124 8.89 8.43 2.97
C ILE A 124 10.36 8.28 3.35
N ALA A 125 11.25 8.78 2.51
CA ALA A 125 12.68 8.67 2.77
C ALA A 125 13.45 9.84 2.20
N LEU A 126 14.53 10.23 2.88
CA LEU A 126 15.38 11.32 2.44
C LEU A 126 16.31 10.72 1.37
N ASN A 127 16.37 11.36 0.20
CA ASN A 127 17.21 10.87 -0.89
C ASN A 127 18.69 11.08 -0.61
N GLU A 128 19.53 10.36 -1.34
CA GLU A 128 20.98 10.45 -1.17
C GLU A 128 21.50 11.88 -1.21
N ASP A 129 20.90 12.72 -2.07
CA ASP A 129 21.33 14.11 -2.20
C ASP A 129 21.09 14.87 -0.90
N LEU A 130 20.36 14.25 0.02
CA LEU A 130 20.03 14.86 1.30
C LEU A 130 19.34 16.21 1.10
N LYS A 131 18.63 16.35 -0.01
CA LYS A 131 17.92 17.59 -0.32
C LYS A 131 16.46 17.36 -0.69
N THR A 132 16.16 16.21 -1.27
CA THR A 132 14.79 15.90 -1.69
C THR A 132 14.25 14.63 -1.01
N TRP A 133 12.94 14.42 -1.12
CA TRP A 133 12.30 13.26 -0.51
C TRP A 133 11.61 12.36 -1.51
N THR A 134 11.50 11.08 -1.16
CA THR A 134 10.82 10.10 -1.99
C THR A 134 9.59 9.62 -1.19
N ALA A 135 8.40 9.99 -1.65
CA ALA A 135 7.17 9.57 -1.01
C ALA A 135 6.73 8.28 -1.68
N ALA A 136 6.37 7.28 -0.89
CA ALA A 136 5.98 5.98 -1.42
C ALA A 136 4.53 5.89 -1.86
N ASP A 137 3.69 6.80 -1.38
CA ASP A 137 2.28 6.79 -1.75
C ASP A 137 1.65 8.16 -1.58
N MET A 138 0.34 8.25 -1.77
CA MET A 138 -0.33 9.53 -1.66
C MET A 138 -0.33 10.15 -0.26
N ALA A 139 -0.41 9.32 0.75
CA ALA A 139 -0.40 9.83 2.12
C ALA A 139 0.94 10.51 2.40
N ALA A 140 2.03 9.89 1.94
CA ALA A 140 3.36 10.46 2.16
C ALA A 140 3.61 11.76 1.40
N LEU A 141 2.82 12.03 0.36
CA LEU A 141 2.99 13.27 -0.40
C LEU A 141 2.61 14.43 0.49
N ILE A 142 1.69 14.19 1.42
CA ILE A 142 1.26 15.23 2.35
C ILE A 142 2.46 15.60 3.22
N THR A 143 3.08 14.60 3.83
CA THR A 143 4.25 14.81 4.68
C THR A 143 5.37 15.46 3.88
N LYS A 144 5.56 14.99 2.65
CA LYS A 144 6.59 15.52 1.78
C LYS A 144 6.43 17.02 1.57
N HIS A 145 5.24 17.44 1.13
CA HIS A 145 4.98 18.86 0.91
C HIS A 145 5.23 19.64 2.21
N LYS A 146 4.74 19.07 3.31
CA LYS A 146 4.90 19.70 4.63
C LYS A 146 6.40 19.89 4.95
N TRP A 147 7.19 18.84 4.74
CA TRP A 147 8.63 18.93 5.03
C TRP A 147 9.42 19.76 4.03
N GLU A 148 8.92 19.89 2.81
CA GLU A 148 9.60 20.70 1.81
C GLU A 148 9.47 22.17 2.21
N GLN A 149 8.27 22.55 2.63
CA GLN A 149 8.04 23.93 3.04
C GLN A 149 8.78 24.30 4.31
N ALA A 150 8.89 23.34 5.23
CA ALA A 150 9.57 23.56 6.50
C ALA A 150 11.10 23.48 6.43
N GLY A 151 11.62 23.10 5.27
CA GLY A 151 13.07 22.97 5.11
C GLY A 151 13.62 21.84 5.95
N GLU A 152 12.80 20.82 6.17
CA GLU A 152 13.18 19.65 6.96
C GLU A 152 14.44 18.97 6.44
N ALA A 153 14.59 18.90 5.13
CA ALA A 153 15.77 18.27 4.54
C ALA A 153 17.06 18.96 5.00
N GLU A 154 17.03 20.28 5.09
CA GLU A 154 18.21 21.04 5.51
C GLU A 154 18.53 20.77 6.98
N ARG A 155 17.49 20.61 7.79
CA ARG A 155 17.66 20.34 9.21
C ARG A 155 18.31 18.97 9.39
N LEU A 156 17.85 18.00 8.62
CA LEU A 156 18.39 16.64 8.70
C LEU A 156 19.83 16.60 8.21
N ARG A 157 20.11 17.29 7.12
CA ARG A 157 21.45 17.32 6.56
C ARG A 157 22.43 17.86 7.61
N ALA A 158 22.02 18.90 8.33
CA ALA A 158 22.87 19.48 9.36
C ALA A 158 23.18 18.42 10.42
N TYR A 159 22.16 17.67 10.82
CA TYR A 159 22.34 16.62 11.81
C TYR A 159 23.21 15.50 11.27
N LEU A 160 22.86 15.01 10.09
CA LEU A 160 23.59 13.90 9.47
C LEU A 160 25.06 14.20 9.23
N GLU A 161 25.36 15.39 8.72
CA GLU A 161 26.74 15.78 8.42
C GLU A 161 27.50 16.33 9.65
N GLY A 162 26.76 16.80 10.64
CA GLY A 162 27.40 17.35 11.82
C GLY A 162 27.32 16.46 13.05
N THR A 163 26.27 16.68 13.85
CA THR A 163 26.04 15.92 15.09
C THR A 163 26.25 14.41 14.99
N CYS A 164 25.60 13.79 14.01
CA CYS A 164 25.69 12.34 13.85
C CYS A 164 27.13 11.86 13.66
N VAL A 165 27.85 12.51 12.75
CA VAL A 165 29.24 12.15 12.48
C VAL A 165 30.10 12.40 13.71
N GLU A 166 29.87 13.54 14.38
CA GLU A 166 30.62 13.90 15.57
C GLU A 166 30.43 12.89 16.70
N TRP A 167 29.19 12.52 16.99
CA TRP A 167 28.96 11.56 18.06
C TRP A 167 29.48 10.19 17.69
N LEU A 168 29.42 9.85 16.40
CA LEU A 168 29.92 8.57 15.95
C LEU A 168 31.41 8.45 16.27
N ARG A 169 32.16 9.53 16.03
CA ARG A 169 33.60 9.54 16.31
C ARG A 169 33.78 9.28 17.81
N ARG A 170 33.01 10.00 18.61
CA ARG A 170 33.07 9.88 20.06
C ARG A 170 32.80 8.45 20.53
N TYR A 171 31.73 7.84 20.01
CA TYR A 171 31.40 6.47 20.40
C TYR A 171 32.48 5.49 19.95
N LEU A 172 33.02 5.69 18.75
CA LEU A 172 34.05 4.80 18.25
C LEU A 172 35.29 4.84 19.14
N LYS A 173 35.62 6.02 19.66
CA LYS A 173 36.79 6.16 20.53
C LYS A 173 36.64 5.30 21.78
N ASN A 174 35.47 5.36 22.40
CA ASN A 174 35.20 4.59 23.61
C ASN A 174 35.00 3.10 23.40
N GLY A 175 34.38 2.72 22.28
CA GLY A 175 34.12 1.31 22.04
C GLY A 175 34.98 0.62 20.99
N ASN A 176 35.88 1.37 20.35
CA ASN A 176 36.73 0.81 19.31
C ASN A 176 37.34 -0.53 19.68
N ALA A 177 37.95 -0.59 20.85
CA ALA A 177 38.59 -1.80 21.34
C ALA A 177 37.63 -2.98 21.37
N THR A 178 36.36 -2.70 21.62
CA THR A 178 35.35 -3.75 21.69
C THR A 178 34.75 -4.04 20.30
N LEU A 179 34.42 -2.97 19.57
CA LEU A 179 33.83 -3.11 18.25
C LEU A 179 34.67 -3.92 17.27
N LEU A 180 35.99 -3.79 17.36
CA LEU A 180 36.91 -4.52 16.48
C LEU A 180 36.94 -6.01 16.76
N ARG A 181 36.16 -6.45 17.74
CA ARG A 181 36.12 -7.86 18.11
C ARG A 181 35.95 -8.75 16.88
N THR A 182 36.72 -9.82 16.82
CA THR A 182 36.65 -10.76 15.71
C THR A 182 36.85 -12.18 16.20
N ASP A 183 35.91 -13.05 15.83
CA ASP A 183 35.98 -14.45 16.21
C ASP A 183 35.87 -15.26 14.93
N SER A 184 36.98 -15.89 14.53
CA SER A 184 36.99 -16.69 13.32
C SER A 184 36.14 -17.93 13.53
N PRO A 185 35.49 -18.42 12.47
CA PRO A 185 34.67 -19.61 12.62
C PRO A 185 35.47 -20.91 12.81
N LYS A 186 34.93 -21.80 13.62
CA LYS A 186 35.50 -23.11 13.86
C LYS A 186 34.55 -23.99 13.06
N ALA A 187 35.06 -24.72 12.08
CA ALA A 187 34.20 -25.55 11.25
C ALA A 187 34.44 -27.04 11.36
N HIS A 188 33.45 -27.81 10.91
CA HIS A 188 33.53 -29.27 10.89
C HIS A 188 32.39 -29.79 10.01
N VAL A 189 32.55 -30.99 9.49
CA VAL A 189 31.53 -31.58 8.63
C VAL A 189 30.85 -32.76 9.30
N THR A 190 29.52 -32.83 9.19
CA THR A 190 28.76 -33.94 9.74
C THR A 190 28.22 -34.78 8.60
N HIS A 191 27.98 -36.05 8.90
CA HIS A 191 27.53 -37.03 7.93
C HIS A 191 26.17 -37.57 8.38
N HIS A 192 25.19 -37.51 7.48
CA HIS A 192 23.84 -37.96 7.79
C HIS A 192 23.27 -38.80 6.67
N SER A 193 22.47 -39.79 7.02
CA SER A 193 21.90 -40.64 5.99
C SER A 193 20.78 -41.52 6.51
N ARG A 194 19.87 -41.84 5.61
CA ARG A 194 18.77 -42.73 5.92
C ARG A 194 19.06 -43.91 5.02
N PRO A 195 18.55 -45.10 5.36
CA PRO A 195 18.78 -46.30 4.55
C PRO A 195 18.57 -46.07 3.05
N GLU A 196 19.57 -45.52 2.39
CA GLU A 196 19.52 -45.22 0.95
C GLU A 196 20.94 -45.16 0.37
N ASP A 197 21.05 -44.93 -0.94
CA ASP A 197 22.35 -44.86 -1.61
C ASP A 197 22.92 -43.43 -1.68
N LYS A 198 22.35 -42.52 -0.91
CA LYS A 198 22.82 -41.14 -0.89
C LYS A 198 23.10 -40.74 0.56
N VAL A 199 23.89 -39.68 0.74
CA VAL A 199 24.19 -39.20 2.08
C VAL A 199 24.27 -37.68 2.08
N THR A 200 24.00 -37.08 3.23
CA THR A 200 24.06 -35.63 3.35
C THR A 200 25.32 -35.25 4.11
N LEU A 201 26.11 -34.35 3.53
CA LEU A 201 27.30 -33.84 4.19
C LEU A 201 26.91 -32.43 4.58
N ARG A 202 27.07 -32.09 5.85
CA ARG A 202 26.71 -30.76 6.33
C ARG A 202 27.94 -30.07 6.89
N CYS A 203 28.25 -28.90 6.32
CA CYS A 203 29.39 -28.12 6.74
C CYS A 203 28.95 -27.06 7.75
N TRP A 204 29.51 -27.14 8.95
CA TRP A 204 29.16 -26.20 10.01
C TRP A 204 30.21 -25.14 10.28
N ALA A 205 29.76 -23.93 10.53
CA ALA A 205 30.61 -22.81 10.89
C ALA A 205 30.01 -22.32 12.19
N LEU A 206 30.79 -22.34 13.26
CA LEU A 206 30.34 -21.95 14.59
C LEU A 206 31.24 -20.94 15.30
N GLY A 207 30.67 -20.26 16.29
CA GLY A 207 31.38 -19.28 17.09
C GLY A 207 32.04 -18.12 16.37
N PHE A 208 31.49 -17.71 15.23
CA PHE A 208 32.12 -16.61 14.51
C PHE A 208 31.42 -15.26 14.71
N TYR A 209 32.18 -14.20 14.41
CA TYR A 209 31.71 -12.83 14.54
C TYR A 209 32.68 -11.92 13.79
N PRO A 210 32.16 -10.96 12.98
CA PRO A 210 30.74 -10.69 12.75
C PRO A 210 29.98 -11.80 12.02
N ALA A 211 28.68 -11.60 11.82
CA ALA A 211 27.83 -12.59 11.17
C ALA A 211 28.10 -12.85 9.68
N ASP A 212 28.68 -11.88 8.99
CA ASP A 212 28.97 -12.05 7.57
C ASP A 212 29.91 -13.24 7.37
N ILE A 213 29.50 -14.16 6.49
CA ILE A 213 30.29 -15.34 6.21
C ILE A 213 29.80 -15.99 4.93
N THR A 214 30.63 -16.84 4.35
CA THR A 214 30.25 -17.55 3.13
C THR A 214 30.70 -19.01 3.24
N LEU A 215 29.80 -19.91 2.90
CA LEU A 215 30.08 -21.35 2.93
C LEU A 215 29.79 -21.89 1.55
N THR A 216 30.69 -22.71 1.03
CA THR A 216 30.48 -23.30 -0.29
C THR A 216 30.90 -24.74 -0.25
N TRP A 217 30.37 -25.52 -1.17
CA TRP A 217 30.72 -26.92 -1.33
C TRP A 217 31.31 -27.09 -2.72
N GLN A 218 32.41 -27.81 -2.82
CA GLN A 218 33.06 -28.05 -4.10
C GLN A 218 33.21 -29.54 -4.37
N LEU A 219 33.05 -29.92 -5.63
CA LEU A 219 33.24 -31.30 -6.06
C LEU A 219 34.51 -31.25 -6.91
N ASN A 220 35.64 -31.62 -6.32
CA ASN A 220 36.92 -31.55 -7.03
C ASN A 220 37.01 -30.11 -7.51
N GLY A 221 36.42 -29.83 -8.66
CA GLY A 221 36.40 -28.48 -9.18
C GLY A 221 34.96 -27.98 -9.11
N GLU A 222 34.71 -26.77 -9.60
CA GLU A 222 33.38 -26.19 -9.61
C GLU A 222 32.66 -26.10 -8.26
N GLU A 223 31.88 -25.04 -8.10
CA GLU A 223 31.12 -24.78 -6.87
C GLU A 223 29.68 -25.26 -6.99
N LEU A 224 29.28 -26.13 -6.07
CA LEU A 224 27.91 -26.66 -6.04
C LEU A 224 26.98 -25.63 -5.42
N ILE A 225 26.23 -24.93 -6.27
CA ILE A 225 25.31 -23.91 -5.77
C ILE A 225 23.85 -24.23 -6.10
N GLN A 226 23.64 -24.98 -7.16
CA GLN A 226 22.29 -25.33 -7.59
C GLN A 226 21.57 -26.32 -6.66
N ASP A 227 22.32 -27.16 -5.96
CA ASP A 227 21.70 -28.13 -5.06
C ASP A 227 22.31 -28.18 -3.67
N MET A 228 22.65 -27.01 -3.14
CA MET A 228 23.24 -26.93 -1.81
C MET A 228 22.22 -26.29 -0.86
N GLU A 229 21.89 -26.99 0.23
CA GLU A 229 20.94 -26.44 1.19
C GLU A 229 21.71 -25.53 2.14
N LEU A 230 21.14 -24.36 2.42
CA LEU A 230 21.82 -23.39 3.28
C LEU A 230 20.81 -22.75 4.24
N VAL A 231 21.20 -22.58 5.51
CA VAL A 231 20.31 -21.92 6.45
C VAL A 231 20.77 -20.48 6.65
N GLU A 232 19.84 -19.64 7.08
CA GLU A 232 20.20 -18.26 7.32
C GLU A 232 21.12 -18.23 8.54
N THR A 233 22.06 -17.31 8.53
CA THR A 233 23.00 -17.17 9.64
C THR A 233 22.18 -16.88 10.88
N ARG A 234 22.55 -17.50 11.99
CA ARG A 234 21.78 -17.35 13.22
C ARG A 234 22.63 -17.15 14.47
N PRO A 235 22.08 -16.44 15.46
CA PRO A 235 22.80 -16.18 16.70
C PRO A 235 22.81 -17.40 17.61
N ALA A 236 23.97 -17.68 18.21
CA ALA A 236 24.06 -18.81 19.14
C ALA A 236 23.47 -18.32 20.46
N GLY A 237 23.40 -17.00 20.61
CA GLY A 237 22.84 -16.42 21.82
C GLY A 237 23.89 -15.93 22.81
N ASP A 238 25.16 -16.15 22.48
CA ASP A 238 26.26 -15.75 23.34
C ASP A 238 27.12 -14.68 22.67
N GLY A 239 26.60 -14.07 21.61
CA GLY A 239 27.38 -13.06 20.91
C GLY A 239 28.02 -13.53 19.62
N THR A 240 28.09 -14.84 19.42
CA THR A 240 28.67 -15.38 18.18
C THR A 240 27.56 -15.90 17.28
N PHE A 241 27.90 -16.27 16.05
CA PHE A 241 26.91 -16.77 15.11
C PHE A 241 27.19 -18.19 14.63
N GLN A 242 26.20 -18.76 13.93
CA GLN A 242 26.28 -20.12 13.40
C GLN A 242 25.73 -20.16 12.00
N LYS A 243 26.18 -21.14 11.23
CA LYS A 243 25.68 -21.32 9.89
C LYS A 243 26.14 -22.67 9.37
N TRP A 244 25.35 -23.25 8.47
CA TRP A 244 25.73 -24.50 7.84
C TRP A 244 25.23 -24.59 6.41
N ALA A 245 25.93 -25.39 5.62
CA ALA A 245 25.58 -25.62 4.22
C ALA A 245 25.70 -27.12 4.04
N SER A 246 24.72 -27.73 3.38
CA SER A 246 24.79 -29.17 3.16
C SER A 246 24.57 -29.55 1.70
N VAL A 247 25.06 -30.73 1.34
CA VAL A 247 24.89 -31.24 -0.02
C VAL A 247 24.60 -32.73 0.06
N VAL A 248 23.84 -33.23 -0.91
CA VAL A 248 23.53 -34.65 -0.97
C VAL A 248 24.48 -35.25 -1.98
N VAL A 249 25.19 -36.29 -1.57
CA VAL A 249 26.16 -36.91 -2.46
C VAL A 249 26.04 -38.43 -2.46
N PRO A 250 26.64 -39.07 -3.48
CA PRO A 250 26.59 -40.53 -3.57
C PRO A 250 27.30 -41.21 -2.41
N LEU A 251 26.71 -42.29 -1.94
CA LEU A 251 27.30 -43.06 -0.86
C LEU A 251 28.69 -43.52 -1.32
N GLY A 252 29.70 -43.30 -0.50
CA GLY A 252 31.04 -43.71 -0.87
C GLY A 252 31.86 -42.65 -1.58
N LYS A 253 31.23 -41.54 -1.96
CA LYS A 253 31.95 -40.47 -2.65
C LYS A 253 32.18 -39.24 -1.79
N GLU A 254 32.01 -39.39 -0.48
CA GLU A 254 32.18 -38.27 0.44
C GLU A 254 33.53 -37.58 0.35
N GLN A 255 34.58 -38.33 0.03
CA GLN A 255 35.92 -37.74 -0.06
C GLN A 255 36.18 -36.95 -1.32
N TYR A 256 35.17 -36.83 -2.19
CA TYR A 256 35.34 -36.07 -3.43
C TYR A 256 34.84 -34.65 -3.26
N TYR A 257 34.21 -34.38 -2.12
CA TYR A 257 33.66 -33.08 -1.83
C TYR A 257 34.42 -32.30 -0.78
N THR A 258 34.51 -30.98 -0.99
CA THR A 258 35.21 -30.13 -0.06
C THR A 258 34.37 -28.92 0.34
N CYS A 259 34.41 -28.56 1.61
CA CYS A 259 33.68 -27.39 2.06
C CYS A 259 34.66 -26.25 2.29
N HIS A 260 34.26 -25.06 1.87
CA HIS A 260 35.10 -23.88 2.03
C HIS A 260 34.37 -22.82 2.85
N VAL A 261 35.07 -22.27 3.83
CA VAL A 261 34.50 -21.25 4.70
C VAL A 261 35.24 -19.94 4.52
N TYR A 262 34.50 -18.90 4.13
CA TYR A 262 35.06 -17.58 3.89
C TYR A 262 34.56 -16.61 4.95
N HIS A 263 35.48 -16.06 5.73
CA HIS A 263 35.13 -15.10 6.76
C HIS A 263 36.17 -13.99 6.70
N GLN A 264 35.78 -12.79 7.12
CA GLN A 264 36.69 -11.66 7.12
C GLN A 264 37.80 -11.89 8.15
N GLY A 265 37.51 -12.71 9.15
CA GLY A 265 38.49 -12.98 10.18
C GLY A 265 39.44 -14.12 9.87
N LEU A 266 39.32 -14.71 8.68
CA LEU A 266 40.20 -15.81 8.32
C LEU A 266 41.40 -15.38 7.49
N PRO A 267 42.61 -15.60 8.02
CA PRO A 267 43.84 -15.23 7.29
C PRO A 267 43.83 -15.88 5.91
N GLU A 268 43.13 -17.02 5.83
CA GLU A 268 42.98 -17.77 4.60
C GLU A 268 41.75 -18.69 4.72
N PRO A 269 40.91 -18.76 3.67
CA PRO A 269 39.69 -19.58 3.65
C PRO A 269 39.92 -21.00 4.12
N LEU A 270 39.02 -21.50 4.97
CA LEU A 270 39.13 -22.85 5.49
C LEU A 270 38.66 -23.87 4.48
N THR A 271 39.39 -24.98 4.41
CA THR A 271 39.07 -26.07 3.51
C THR A 271 38.99 -27.33 4.36
N LEU A 272 37.88 -28.05 4.25
CA LEU A 272 37.72 -29.27 5.02
C LEU A 272 36.83 -30.28 4.32
N ARG A 273 36.89 -31.51 4.79
CA ARG A 273 36.12 -32.61 4.22
C ARG A 273 35.60 -33.51 5.32
N TRP A 274 34.69 -34.40 4.96
CA TRP A 274 34.13 -35.34 5.92
C TRP A 274 35.27 -36.22 6.44
N GLU A 275 35.36 -36.32 7.75
CA GLU A 275 36.40 -37.12 8.39
C GLU A 275 35.72 -38.09 9.35
N PRO A 276 35.51 -39.34 8.91
CA PRO A 276 34.88 -40.33 9.79
C PRO A 276 35.75 -40.56 11.01
N PRO A 277 35.17 -40.43 12.22
CA PRO A 277 35.93 -40.63 13.45
C PRO A 277 36.68 -41.97 13.44
N PRO A 278 37.74 -42.08 14.26
CA PRO A 278 38.51 -43.34 14.31
C PRO A 278 37.67 -44.52 14.74
N ILE B 1 -0.35 -5.19 5.06
CA ILE B 1 0.63 -6.18 4.50
C ILE B 1 1.40 -6.84 5.64
N GLN B 2 1.11 -8.11 5.88
CA GLN B 2 1.76 -8.85 6.94
C GLN B 2 2.83 -9.78 6.39
N LYS B 3 3.88 -10.01 7.17
CA LYS B 3 4.97 -10.88 6.77
C LYS B 3 5.02 -12.09 7.69
N THR B 4 5.06 -13.27 7.07
CA THR B 4 5.08 -14.54 7.78
C THR B 4 6.43 -14.82 8.42
N PRO B 5 6.44 -15.13 9.72
CA PRO B 5 7.69 -15.41 10.42
C PRO B 5 8.42 -16.65 9.91
N GLN B 6 9.74 -16.56 9.89
CA GLN B 6 10.62 -17.66 9.50
C GLN B 6 11.16 -18.14 10.84
N ILE B 7 11.24 -19.46 11.00
CA ILE B 7 11.66 -20.05 12.26
C ILE B 7 12.81 -21.04 12.16
N GLN B 8 13.74 -20.95 13.10
CA GLN B 8 14.84 -21.89 13.18
C GLN B 8 14.92 -22.34 14.63
N VAL B 9 14.99 -23.64 14.86
CA VAL B 9 15.09 -24.16 16.22
C VAL B 9 16.41 -24.91 16.25
N TYR B 10 17.27 -24.57 17.20
CA TYR B 10 18.60 -25.17 17.26
C TYR B 10 19.27 -24.94 18.61
N SER B 11 20.26 -25.77 18.93
CA SER B 11 20.98 -25.65 20.19
C SER B 11 22.16 -24.70 20.07
N ARG B 12 22.54 -24.08 21.18
CA ARG B 12 23.67 -23.15 21.17
C ARG B 12 24.97 -23.89 20.88
N HIS B 13 25.12 -25.08 21.47
CA HIS B 13 26.32 -25.88 21.29
C HIS B 13 25.94 -27.23 20.68
N PRO B 14 26.89 -27.91 20.02
CA PRO B 14 26.54 -29.22 19.43
C PRO B 14 25.88 -30.04 20.54
N PRO B 15 24.77 -30.71 20.22
CA PRO B 15 24.07 -31.53 21.22
C PRO B 15 24.77 -32.83 21.63
N GLU B 16 24.85 -33.04 22.93
CA GLU B 16 25.45 -34.24 23.50
C GLU B 16 24.48 -34.72 24.57
N ASN B 17 23.89 -35.89 24.38
CA ASN B 17 22.94 -36.40 25.36
C ASN B 17 23.51 -36.37 26.77
N GLY B 18 22.74 -35.80 27.69
CA GLY B 18 23.16 -35.71 29.08
C GLY B 18 23.94 -34.46 29.45
N LYS B 19 24.25 -33.61 28.47
CA LYS B 19 24.99 -32.40 28.78
C LYS B 19 24.16 -31.12 28.64
N PRO B 20 24.11 -30.32 29.71
CA PRO B 20 23.34 -29.07 29.71
C PRO B 20 23.68 -28.25 28.47
N ASN B 21 22.65 -27.67 27.85
CA ASN B 21 22.83 -26.88 26.64
C ASN B 21 21.78 -25.79 26.67
N ILE B 22 21.64 -25.09 25.56
CA ILE B 22 20.66 -24.03 25.42
C ILE B 22 19.94 -24.26 24.10
N LEU B 23 18.60 -24.24 24.13
CA LEU B 23 17.84 -24.43 22.91
C LEU B 23 17.30 -23.08 22.47
N ASN B 24 17.56 -22.72 21.21
CA ASN B 24 17.11 -21.45 20.66
C ASN B 24 15.98 -21.60 19.67
N CYS B 25 15.13 -20.57 19.63
CA CYS B 25 14.04 -20.49 18.67
C CYS B 25 14.19 -19.08 18.12
N TYR B 26 14.83 -19.00 16.95
CA TYR B 26 15.09 -17.73 16.28
C TYR B 26 13.96 -17.44 15.31
N VAL B 27 13.24 -16.34 15.55
CA VAL B 27 12.10 -15.98 14.70
C VAL B 27 12.37 -14.65 14.00
N THR B 28 12.29 -14.67 12.68
CA THR B 28 12.59 -13.51 11.87
C THR B 28 11.57 -13.23 10.78
N GLN B 29 11.79 -12.12 10.09
CA GLN B 29 11.00 -11.68 8.94
C GLN B 29 9.49 -11.54 9.15
N PHE B 30 9.06 -11.17 10.36
CA PHE B 30 7.64 -11.02 10.57
C PHE B 30 7.20 -9.58 10.78
N HIS B 31 5.90 -9.35 10.55
CA HIS B 31 5.30 -8.04 10.69
C HIS B 31 3.79 -8.31 10.62
N PRO B 32 3.00 -7.73 11.55
CA PRO B 32 3.32 -6.84 12.67
C PRO B 32 4.23 -7.43 13.74
N PRO B 33 4.77 -6.57 14.63
CA PRO B 33 5.66 -7.03 15.69
C PRO B 33 5.04 -7.93 16.77
N HIS B 34 3.73 -7.84 16.97
CA HIS B 34 3.10 -8.69 17.98
C HIS B 34 3.23 -10.15 17.60
N ILE B 35 3.79 -10.95 18.49
CA ILE B 35 3.98 -12.36 18.22
C ILE B 35 3.99 -13.14 19.54
N GLU B 36 3.57 -14.39 19.48
CA GLU B 36 3.53 -15.24 20.68
C GLU B 36 4.40 -16.47 20.41
N ILE B 37 5.39 -16.67 21.26
CA ILE B 37 6.31 -17.78 21.08
C ILE B 37 6.32 -18.68 22.29
N GLN B 38 6.20 -19.99 22.06
CA GLN B 38 6.24 -20.96 23.13
C GLN B 38 7.23 -22.04 22.72
N MET B 39 7.88 -22.64 23.69
CA MET B 39 8.80 -23.72 23.41
C MET B 39 8.15 -24.90 24.10
N LEU B 40 8.16 -26.05 23.44
CA LEU B 40 7.51 -27.24 23.96
C LEU B 40 8.42 -28.45 24.11
N LYS B 41 8.23 -29.20 25.18
CA LYS B 41 9.00 -30.41 25.42
C LYS B 41 8.01 -31.56 25.45
N ASN B 42 8.16 -32.49 24.51
CA ASN B 42 7.26 -33.64 24.41
C ASN B 42 5.79 -33.22 24.36
N GLY B 43 5.52 -32.13 23.66
CA GLY B 43 4.16 -31.65 23.52
C GLY B 43 3.65 -30.72 24.61
N LYS B 44 4.40 -30.60 25.70
CA LYS B 44 3.99 -29.75 26.81
C LYS B 44 4.78 -28.44 26.87
N LYS B 45 4.07 -27.34 27.08
CA LYS B 45 4.71 -26.02 27.14
C LYS B 45 5.80 -25.95 28.20
N ILE B 46 6.92 -25.34 27.84
CA ILE B 46 8.06 -25.16 28.74
C ILE B 46 7.87 -23.82 29.47
N PRO B 47 7.78 -23.86 30.81
CA PRO B 47 7.60 -22.65 31.62
C PRO B 47 8.68 -21.58 31.51
N LYS B 48 9.93 -21.96 31.76
CA LYS B 48 11.02 -21.01 31.72
C LYS B 48 11.60 -20.79 30.32
N VAL B 49 11.09 -19.79 29.62
CA VAL B 49 11.58 -19.46 28.29
C VAL B 49 11.93 -17.98 28.26
N GLU B 50 13.21 -17.68 28.04
CA GLU B 50 13.66 -16.30 27.99
C GLU B 50 13.49 -15.70 26.60
N MET B 51 13.17 -14.42 26.56
CA MET B 51 12.96 -13.69 25.31
C MET B 51 13.94 -12.52 25.18
N SER B 52 14.62 -12.42 24.06
CA SER B 52 15.53 -11.30 23.84
C SER B 52 14.64 -10.09 23.54
N ASP B 53 15.20 -8.89 23.58
CA ASP B 53 14.40 -7.72 23.26
C ASP B 53 14.10 -7.86 21.76
N MET B 54 13.08 -7.17 21.26
CA MET B 54 12.80 -7.29 19.84
C MET B 54 13.52 -6.20 19.05
N SER B 55 13.93 -6.55 17.83
CA SER B 55 14.64 -5.62 16.98
C SER B 55 14.03 -5.77 15.59
N PHE B 56 14.42 -4.88 14.67
CA PHE B 56 13.94 -5.00 13.30
C PHE B 56 15.08 -4.68 12.33
N SER B 57 15.05 -5.30 11.17
CA SER B 57 16.10 -5.09 10.18
C SER B 57 15.77 -4.05 9.12
N LYS B 58 16.72 -3.83 8.21
CA LYS B 58 16.58 -2.85 7.15
C LYS B 58 15.32 -2.99 6.28
N ASP B 59 14.80 -4.21 6.15
CA ASP B 59 13.60 -4.40 5.34
C ASP B 59 12.34 -4.19 6.17
N TRP B 60 12.51 -3.64 7.37
CA TRP B 60 11.43 -3.34 8.31
C TRP B 60 10.88 -4.54 9.11
N SER B 61 11.21 -5.75 8.69
CA SER B 61 10.71 -6.93 9.41
C SER B 61 11.37 -7.09 10.79
N PHE B 62 10.63 -7.64 11.75
CA PHE B 62 11.15 -7.83 13.10
C PHE B 62 11.76 -9.21 13.32
N TYR B 63 12.60 -9.32 14.35
CA TYR B 63 13.21 -10.60 14.70
C TYR B 63 13.42 -10.66 16.21
N ILE B 64 13.45 -11.87 16.73
CA ILE B 64 13.60 -12.04 18.17
C ILE B 64 14.12 -13.43 18.41
N LEU B 65 14.80 -13.62 19.55
CA LEU B 65 15.36 -14.90 19.90
C LEU B 65 14.82 -15.39 21.22
N ALA B 66 14.20 -16.56 21.20
CA ALA B 66 13.68 -17.17 22.41
C ALA B 66 14.65 -18.27 22.74
N HIS B 67 14.86 -18.54 24.02
CA HIS B 67 15.78 -19.59 24.40
C HIS B 67 15.45 -20.17 25.76
N THR B 68 15.84 -21.42 25.97
CA THR B 68 15.58 -22.09 27.23
C THR B 68 16.72 -23.08 27.50
N GLU B 69 17.00 -23.32 28.77
CA GLU B 69 18.04 -24.26 29.16
C GLU B 69 17.46 -25.66 29.03
N PHE B 70 18.25 -26.62 28.55
CA PHE B 70 17.75 -27.98 28.43
C PHE B 70 18.90 -28.97 28.37
N THR B 71 18.60 -30.22 28.72
CA THR B 71 19.58 -31.28 28.66
C THR B 71 19.02 -32.30 27.70
N PRO B 72 19.52 -32.28 26.45
CA PRO B 72 19.01 -33.24 25.45
C PRO B 72 19.21 -34.70 25.82
N THR B 73 18.26 -35.52 25.42
CA THR B 73 18.32 -36.95 25.63
C THR B 73 18.04 -37.56 24.28
N GLU B 74 18.28 -38.85 24.15
CA GLU B 74 18.06 -39.51 22.88
C GLU B 74 16.61 -39.49 22.40
N THR B 75 15.65 -39.47 23.33
CA THR B 75 14.25 -39.53 22.94
C THR B 75 13.34 -38.32 23.18
N ASP B 76 13.80 -37.33 23.94
CA ASP B 76 12.95 -36.16 24.19
C ASP B 76 12.81 -35.32 22.93
N THR B 77 11.59 -34.89 22.68
CA THR B 77 11.28 -34.07 21.52
C THR B 77 11.07 -32.63 21.95
N TYR B 78 11.61 -31.70 21.18
CA TYR B 78 11.46 -30.28 21.47
C TYR B 78 10.93 -29.58 20.24
N ALA B 79 10.22 -28.49 20.47
CA ALA B 79 9.68 -27.72 19.36
C ALA B 79 9.43 -26.29 19.78
N CYS B 80 9.19 -25.46 18.77
CA CYS B 80 8.90 -24.06 18.99
C CYS B 80 7.58 -23.82 18.28
N ARG B 81 6.65 -23.17 18.97
CA ARG B 81 5.34 -22.88 18.40
C ARG B 81 5.16 -21.37 18.37
N VAL B 82 4.84 -20.87 17.19
CA VAL B 82 4.69 -19.44 16.99
C VAL B 82 3.31 -19.09 16.49
N LYS B 83 2.69 -18.11 17.14
CA LYS B 83 1.37 -17.64 16.75
C LYS B 83 1.56 -16.21 16.27
N HIS B 84 1.15 -15.94 15.03
CA HIS B 84 1.30 -14.61 14.47
C HIS B 84 0.11 -14.31 13.55
N ASP B 85 -0.28 -13.04 13.51
CA ASP B 85 -1.42 -12.59 12.71
C ASP B 85 -1.34 -13.02 11.24
N SER B 86 -0.12 -13.21 10.74
CA SER B 86 0.09 -13.59 9.35
C SER B 86 -0.29 -15.03 9.03
N MET B 87 -0.50 -15.85 10.06
CA MET B 87 -0.83 -17.25 9.83
C MET B 87 -2.19 -17.60 10.45
N ALA B 88 -2.99 -18.34 9.69
CA ALA B 88 -4.31 -18.76 10.15
C ALA B 88 -4.21 -19.51 11.47
N GLU B 89 -3.20 -20.37 11.58
CA GLU B 89 -2.99 -21.16 12.79
C GLU B 89 -1.53 -21.12 13.26
N PRO B 90 -1.28 -21.49 14.52
CA PRO B 90 0.08 -21.50 15.07
C PRO B 90 0.99 -22.46 14.32
N LYS B 91 2.22 -22.02 14.05
CA LYS B 91 3.17 -22.88 13.36
C LYS B 91 4.09 -23.53 14.38
N THR B 92 4.22 -24.85 14.30
CA THR B 92 5.09 -25.58 15.20
C THR B 92 6.29 -26.13 14.46
N VAL B 93 7.49 -25.81 14.94
CA VAL B 93 8.70 -26.28 14.30
C VAL B 93 9.48 -27.15 15.29
N TYR B 94 9.75 -28.38 14.89
CA TYR B 94 10.46 -29.32 15.73
C TYR B 94 11.97 -29.22 15.62
N TRP B 95 12.65 -29.44 16.75
CA TRP B 95 14.10 -29.41 16.79
C TRP B 95 14.64 -30.67 16.13
N ASP B 96 15.59 -30.47 15.23
CA ASP B 96 16.26 -31.57 14.52
C ASP B 96 17.72 -31.45 14.95
N ARG B 97 18.18 -32.41 15.73
CA ARG B 97 19.54 -32.44 16.27
C ARG B 97 20.63 -32.32 15.20
N ASP B 98 20.30 -32.60 13.95
CA ASP B 98 21.27 -32.53 12.86
C ASP B 98 21.25 -31.22 12.10
N MET B 99 20.44 -30.27 12.54
CA MET B 99 20.36 -28.99 11.87
C MET B 99 20.51 -27.82 12.83
N SER C 1 24.11 10.07 19.44
CA SER C 1 23.04 11.05 19.78
C SER C 1 21.97 11.07 18.69
N SER C 2 20.73 10.79 19.07
CA SER C 2 19.65 10.76 18.10
C SER C 2 19.13 12.15 17.78
N ILE C 3 18.41 12.27 16.67
CA ILE C 3 17.85 13.55 16.28
C ILE C 3 16.41 13.62 16.80
N GLU C 4 15.90 14.84 16.90
CA GLU C 4 14.52 15.07 17.33
C GLU C 4 13.73 14.98 16.02
N PHE C 5 12.75 14.08 15.96
CA PHE C 5 11.97 13.92 14.73
C PHE C 5 10.89 14.96 14.51
N ALA C 6 10.59 15.24 13.25
CA ALA C 6 9.54 16.19 12.91
C ALA C 6 8.24 15.39 12.81
N ARG C 7 7.11 16.09 12.84
CA ARG C 7 5.81 15.42 12.75
C ARG C 7 5.49 15.06 11.30
N LEU C 8 4.79 13.94 11.10
CA LEU C 8 4.40 13.51 9.76
C LEU C 8 3.15 14.27 9.30
N GLY D 1 1.54 18.21 -19.81
CA GLY D 1 0.32 17.93 -20.63
C GLY D 1 -0.82 18.86 -20.28
N PRO D 2 -1.98 18.72 -20.95
CA PRO D 2 -3.13 19.59 -20.66
C PRO D 2 -3.73 19.32 -19.28
N HIS D 3 -4.48 20.29 -18.78
CA HIS D 3 -5.12 20.18 -17.48
C HIS D 3 -6.53 20.73 -17.60
N SER D 4 -7.36 20.47 -16.60
CA SER D 4 -8.73 20.97 -16.64
C SER D 4 -9.33 21.12 -15.26
N LEU D 5 -10.23 22.09 -15.15
CA LEU D 5 -10.97 22.36 -13.92
C LEU D 5 -12.42 22.45 -14.33
N ARG D 6 -13.24 21.50 -13.89
CA ARG D 6 -14.65 21.51 -14.25
C ARG D 6 -15.54 21.17 -13.08
N TYR D 7 -16.73 21.75 -13.08
CA TYR D 7 -17.72 21.48 -12.05
C TYR D 7 -18.92 20.80 -12.68
N PHE D 8 -19.31 19.68 -12.07
CA PHE D 8 -20.46 18.89 -12.50
C PHE D 8 -21.50 19.15 -11.41
N VAL D 9 -22.59 19.81 -11.79
CA VAL D 9 -23.63 20.19 -10.84
C VAL D 9 -24.95 19.53 -11.21
N THR D 10 -25.68 19.09 -10.19
CA THR D 10 -26.96 18.42 -10.41
C THR D 10 -28.00 18.94 -9.41
N ALA D 11 -29.20 19.19 -9.90
CA ALA D 11 -30.30 19.63 -9.06
C ALA D 11 -31.46 18.69 -9.44
N VAL D 12 -32.02 18.01 -8.44
CA VAL D 12 -33.11 17.08 -8.66
C VAL D 12 -34.30 17.45 -7.79
N SER D 13 -35.43 17.80 -8.41
CA SER D 13 -36.60 18.15 -7.62
C SER D 13 -37.19 16.89 -7.01
N ARG D 14 -37.80 17.04 -5.83
CA ARG D 14 -38.39 15.92 -5.12
C ARG D 14 -39.73 16.37 -4.53
N PRO D 15 -40.68 16.76 -5.40
CA PRO D 15 -41.98 17.22 -4.92
C PRO D 15 -42.62 16.29 -3.89
N GLY D 16 -43.14 16.89 -2.82
CA GLY D 16 -43.77 16.10 -1.77
C GLY D 16 -42.82 15.40 -0.83
N LEU D 17 -41.51 15.42 -1.13
CA LEU D 17 -40.52 14.76 -0.28
C LEU D 17 -39.53 15.73 0.35
N GLY D 18 -39.55 16.97 -0.10
CA GLY D 18 -38.64 17.96 0.45
C GLY D 18 -38.07 18.88 -0.62
N GLU D 19 -37.03 19.63 -0.25
CA GLU D 19 -36.39 20.55 -1.17
C GLU D 19 -35.57 19.77 -2.20
N PRO D 20 -35.23 20.41 -3.33
CA PRO D 20 -34.46 19.73 -4.36
C PRO D 20 -33.09 19.28 -3.82
N ARG D 21 -32.61 18.15 -4.32
CA ARG D 21 -31.30 17.63 -3.92
C ARG D 21 -30.32 18.36 -4.85
N PHE D 22 -29.36 19.06 -4.25
CA PHE D 22 -28.37 19.81 -5.04
C PHE D 22 -26.97 19.28 -4.75
N ILE D 23 -26.26 18.88 -5.79
CA ILE D 23 -24.91 18.36 -5.63
C ILE D 23 -23.97 19.04 -6.63
N SER D 24 -22.83 19.51 -6.14
CA SER D 24 -21.84 20.16 -6.98
C SER D 24 -20.51 19.47 -6.75
N VAL D 25 -19.93 18.95 -7.82
CA VAL D 25 -18.65 18.24 -7.73
C VAL D 25 -17.60 18.90 -8.61
N GLY D 26 -16.45 19.17 -8.02
CA GLY D 26 -15.37 19.81 -8.77
C GLY D 26 -14.29 18.81 -9.11
N TYR D 27 -13.78 18.89 -10.33
CA TYR D 27 -12.73 17.99 -10.80
C TYR D 27 -11.52 18.73 -11.33
N VAL D 28 -10.34 18.23 -10.99
CA VAL D 28 -9.11 18.80 -11.52
C VAL D 28 -8.53 17.61 -12.27
N ASP D 29 -8.35 17.75 -13.58
CA ASP D 29 -7.83 16.69 -14.42
C ASP D 29 -8.62 15.40 -14.22
N ASN D 30 -9.95 15.54 -14.26
CA ASN D 30 -10.88 14.42 -14.11
C ASN D 30 -10.83 13.72 -12.76
N THR D 31 -10.30 14.39 -11.75
CA THR D 31 -10.20 13.82 -10.40
C THR D 31 -11.01 14.68 -9.43
N GLU D 32 -11.95 14.06 -8.70
CA GLU D 32 -12.78 14.80 -7.76
C GLU D 32 -11.92 15.43 -6.66
N PHE D 33 -12.05 16.73 -6.45
CA PHE D 33 -11.26 17.38 -5.41
C PHE D 33 -12.10 18.18 -4.40
N VAL D 34 -13.36 18.47 -4.76
CA VAL D 34 -14.28 19.17 -3.86
C VAL D 34 -15.71 18.71 -4.15
N ARG D 35 -16.57 18.74 -3.14
CA ARG D 35 -17.96 18.33 -3.31
C ARG D 35 -18.87 19.02 -2.30
N PHE D 36 -20.03 19.45 -2.78
CA PHE D 36 -21.04 20.09 -1.96
C PHE D 36 -22.31 19.27 -2.19
N ASP D 37 -22.97 18.91 -1.10
CA ASP D 37 -24.18 18.12 -1.16
C ASP D 37 -25.20 18.73 -0.21
N SER D 38 -26.31 19.24 -0.75
CA SER D 38 -27.34 19.88 0.06
C SER D 38 -28.04 18.96 1.06
N ASP D 39 -27.75 17.66 0.99
CA ASP D 39 -28.39 16.72 1.89
C ASP D 39 -27.80 16.73 3.30
N ALA D 40 -27.90 17.86 3.99
CA ALA D 40 -27.37 17.97 5.35
C ALA D 40 -27.97 19.16 6.11
N GLU D 41 -27.82 19.14 7.43
CA GLU D 41 -28.34 20.21 8.28
C GLU D 41 -27.54 21.49 8.06
N ASN D 42 -26.24 21.33 7.83
CA ASN D 42 -25.37 22.47 7.60
C ASN D 42 -24.41 22.13 6.46
N PRO D 43 -24.93 22.07 5.22
CA PRO D 43 -24.13 21.74 4.03
C PRO D 43 -22.99 22.70 3.78
N ARG D 44 -21.83 22.14 3.44
CA ARG D 44 -20.63 22.93 3.19
C ARG D 44 -19.82 22.24 2.09
N TYR D 45 -19.00 23.02 1.39
CA TYR D 45 -18.13 22.43 0.37
C TYR D 45 -17.09 21.70 1.21
N GLU D 46 -16.67 20.52 0.77
CA GLU D 46 -15.70 19.76 1.53
C GLU D 46 -14.58 19.27 0.61
N PRO D 47 -13.36 19.14 1.16
CA PRO D 47 -12.24 18.67 0.36
C PRO D 47 -12.47 17.20 0.06
N ARG D 48 -12.08 16.76 -1.14
CA ARG D 48 -12.26 15.37 -1.51
C ARG D 48 -10.88 14.80 -1.84
N ALA D 49 -9.88 15.66 -1.74
CA ALA D 49 -8.48 15.30 -1.97
C ALA D 49 -7.70 15.95 -0.83
N ARG D 50 -6.83 15.17 -0.19
CA ARG D 50 -6.03 15.66 0.93
C ARG D 50 -5.35 17.00 0.66
N TRP D 51 -4.75 17.14 -0.51
CA TRP D 51 -4.05 18.37 -0.84
C TRP D 51 -4.91 19.64 -0.86
N MET D 52 -6.22 19.49 -0.86
CA MET D 52 -7.10 20.67 -0.85
C MET D 52 -7.23 21.25 0.54
N GLU D 53 -6.92 20.44 1.56
CA GLU D 53 -7.00 20.92 2.93
C GLU D 53 -6.01 22.04 3.18
N GLN D 54 -5.16 22.30 2.17
CA GLN D 54 -4.18 23.36 2.26
C GLN D 54 -4.88 24.71 2.20
N GLU D 55 -6.09 24.73 1.64
CA GLU D 55 -6.88 25.95 1.54
C GLU D 55 -7.40 26.31 2.92
N GLY D 56 -7.39 27.60 3.24
CA GLY D 56 -7.85 28.05 4.54
C GLY D 56 -9.36 28.14 4.69
N PRO D 57 -9.84 28.44 5.90
CA PRO D 57 -11.28 28.56 6.19
C PRO D 57 -12.04 29.59 5.36
N GLU D 58 -11.36 30.63 4.89
CA GLU D 58 -12.00 31.65 4.07
C GLU D 58 -12.43 31.08 2.72
N TYR D 59 -11.58 30.22 2.17
CA TYR D 59 -11.87 29.60 0.87
C TYR D 59 -13.15 28.79 0.97
N TRP D 60 -13.22 27.91 1.96
CA TRP D 60 -14.37 27.05 2.15
C TRP D 60 -15.66 27.82 2.43
N GLU D 61 -15.55 28.92 3.18
CA GLU D 61 -16.71 29.72 3.50
C GLU D 61 -17.26 30.35 2.22
N ARG D 62 -16.37 30.95 1.44
CA ARG D 62 -16.76 31.59 0.21
C ARG D 62 -17.33 30.60 -0.82
N GLU D 63 -16.68 29.46 -0.98
CA GLU D 63 -17.17 28.46 -1.93
C GLU D 63 -18.52 27.89 -1.48
N THR D 64 -18.67 27.67 -0.17
CA THR D 64 -19.91 27.15 0.38
C THR D 64 -21.05 28.14 0.18
N GLN D 65 -20.78 29.40 0.46
CA GLN D 65 -21.79 30.45 0.32
C GLN D 65 -22.20 30.53 -1.16
N LYS D 66 -21.21 30.38 -2.04
CA LYS D 66 -21.44 30.44 -3.47
C LYS D 66 -22.25 29.22 -3.96
N ALA D 67 -22.00 28.06 -3.35
CA ALA D 67 -22.72 26.85 -3.72
C ALA D 67 -24.18 26.95 -3.28
N LYS D 68 -24.41 27.50 -2.09
CA LYS D 68 -25.77 27.62 -1.59
C LYS D 68 -26.54 28.61 -2.46
N GLY D 69 -25.81 29.58 -3.02
CA GLY D 69 -26.43 30.55 -3.90
C GLY D 69 -26.86 29.87 -5.19
N ASN D 70 -25.99 29.01 -5.73
CA ASN D 70 -26.32 28.29 -6.96
C ASN D 70 -27.47 27.33 -6.68
N GLU D 71 -27.47 26.71 -5.50
CA GLU D 71 -28.51 25.77 -5.14
C GLU D 71 -29.89 26.43 -5.24
N GLN D 72 -30.01 27.61 -4.65
CA GLN D 72 -31.29 28.31 -4.68
C GLN D 72 -31.62 28.77 -6.09
N SER D 73 -30.58 29.11 -6.86
CA SER D 73 -30.77 29.56 -8.22
C SER D 73 -31.30 28.38 -9.06
N PHE D 74 -30.76 27.19 -8.81
CA PHE D 74 -31.23 26.01 -9.53
C PHE D 74 -32.64 25.63 -9.10
N ARG D 75 -32.97 25.90 -7.84
CA ARG D 75 -34.31 25.61 -7.33
C ARG D 75 -35.31 26.42 -8.18
N VAL D 76 -35.00 27.68 -8.46
CA VAL D 76 -35.86 28.52 -9.28
C VAL D 76 -35.88 28.00 -10.72
N ASP D 77 -34.72 27.61 -11.23
CA ASP D 77 -34.63 27.10 -12.61
C ASP D 77 -35.55 25.90 -12.81
N LEU D 78 -35.61 25.00 -11.84
CA LEU D 78 -36.48 23.83 -11.95
C LEU D 78 -37.93 24.30 -12.12
N ARG D 79 -38.34 25.30 -11.34
CA ARG D 79 -39.70 25.81 -11.46
C ARG D 79 -39.88 26.45 -12.84
N THR D 80 -38.90 27.26 -13.25
CA THR D 80 -38.95 27.92 -14.54
C THR D 80 -39.17 26.91 -15.67
N LEU D 81 -38.42 25.82 -15.65
CA LEU D 81 -38.55 24.81 -16.69
C LEU D 81 -39.90 24.10 -16.71
N LEU D 82 -40.54 23.98 -15.55
CA LEU D 82 -41.86 23.35 -15.52
C LEU D 82 -42.78 24.23 -16.37
N GLY D 83 -42.57 25.54 -16.29
CA GLY D 83 -43.36 26.48 -17.06
C GLY D 83 -43.06 26.40 -18.55
N TYR D 84 -41.78 26.36 -18.91
CA TYR D 84 -41.38 26.25 -20.32
C TYR D 84 -41.92 25.00 -20.99
N TYR D 85 -41.89 23.87 -20.28
CA TYR D 85 -42.33 22.60 -20.83
C TYR D 85 -43.77 22.21 -20.48
N ASN D 86 -44.48 23.08 -19.75
CA ASN D 86 -45.85 22.80 -19.35
C ASN D 86 -45.92 21.44 -18.63
N GLN D 87 -45.08 21.28 -17.61
CA GLN D 87 -45.05 20.02 -16.87
C GLN D 87 -45.64 20.18 -15.47
N SER D 88 -46.10 19.06 -14.91
CA SER D 88 -46.70 19.03 -13.58
C SER D 88 -45.69 19.32 -12.47
N LYS D 89 -46.17 19.84 -11.35
CA LYS D 89 -45.30 20.13 -10.23
C LYS D 89 -45.12 18.88 -9.36
N GLY D 90 -45.82 17.81 -9.72
CA GLY D 90 -45.74 16.56 -8.96
C GLY D 90 -44.64 15.61 -9.40
N GLY D 91 -44.02 15.88 -10.54
CA GLY D 91 -42.97 15.01 -11.02
C GLY D 91 -41.56 15.47 -10.69
N SER D 92 -40.63 14.51 -10.67
CA SER D 92 -39.24 14.82 -10.38
C SER D 92 -38.49 15.11 -11.68
N HIS D 93 -37.63 16.14 -11.64
CA HIS D 93 -36.87 16.51 -12.82
C HIS D 93 -35.44 16.82 -12.43
N THR D 94 -34.54 16.73 -13.40
CA THR D 94 -33.13 16.96 -13.14
C THR D 94 -32.52 18.00 -14.07
N ILE D 95 -31.71 18.88 -13.48
CA ILE D 95 -30.99 19.87 -14.26
C ILE D 95 -29.52 19.55 -13.97
N GLN D 96 -28.72 19.51 -15.03
CA GLN D 96 -27.30 19.21 -14.89
C GLN D 96 -26.47 20.23 -15.65
N VAL D 97 -25.28 20.52 -15.13
CA VAL D 97 -24.39 21.47 -15.77
C VAL D 97 -22.95 20.99 -15.67
N ILE D 98 -22.19 21.22 -16.73
CA ILE D 98 -20.76 20.92 -16.76
C ILE D 98 -20.18 22.31 -17.08
N SER D 99 -19.37 22.82 -16.17
CA SER D 99 -18.79 24.15 -16.29
C SER D 99 -17.32 24.13 -15.97
N GLY D 100 -16.48 24.67 -16.86
CA GLY D 100 -15.06 24.65 -16.57
C GLY D 100 -14.16 24.96 -17.74
N CYS D 101 -12.87 24.82 -17.48
CA CYS D 101 -11.87 25.14 -18.48
C CYS D 101 -10.82 24.05 -18.67
N GLU D 102 -10.20 24.07 -19.84
CA GLU D 102 -9.16 23.12 -20.19
C GLU D 102 -8.00 24.00 -20.67
N VAL D 103 -6.81 23.77 -20.14
CA VAL D 103 -5.64 24.56 -20.53
C VAL D 103 -4.49 23.70 -21.04
N GLY D 104 -3.57 24.32 -21.76
CA GLY D 104 -2.43 23.60 -22.29
C GLY D 104 -1.32 23.54 -21.26
N SER D 105 -0.18 22.96 -21.64
CA SER D 105 0.96 22.84 -20.73
C SER D 105 1.55 24.20 -20.41
N ASP D 106 1.19 25.20 -21.20
CA ASP D 106 1.69 26.55 -21.00
C ASP D 106 0.77 27.35 -20.09
N GLY D 107 -0.34 26.74 -19.69
CA GLY D 107 -1.26 27.41 -18.79
C GLY D 107 -2.36 28.22 -19.44
N ARG D 108 -2.33 28.35 -20.77
CA ARG D 108 -3.35 29.12 -21.46
C ARG D 108 -4.59 28.27 -21.74
N LEU D 109 -5.74 28.95 -21.81
CA LEU D 109 -7.01 28.28 -22.07
C LEU D 109 -7.05 27.62 -23.46
N LEU D 110 -7.43 26.35 -23.50
CA LEU D 110 -7.54 25.63 -24.76
C LEU D 110 -9.00 25.53 -25.18
N ARG D 111 -9.89 25.37 -24.21
CA ARG D 111 -11.31 25.25 -24.48
C ARG D 111 -12.14 25.52 -23.22
N GLY D 112 -13.29 26.17 -23.39
CA GLY D 112 -14.16 26.46 -22.27
C GLY D 112 -15.44 25.67 -22.32
N TYR D 113 -16.02 25.37 -21.17
CA TYR D 113 -17.25 24.58 -21.12
C TYR D 113 -18.34 25.22 -20.25
N GLN D 114 -19.56 25.20 -20.76
CA GLN D 114 -20.72 25.71 -20.04
C GLN D 114 -21.90 25.10 -20.75
N GLN D 115 -22.19 23.85 -20.39
CA GLN D 115 -23.29 23.10 -21.00
C GLN D 115 -24.33 22.65 -19.98
N TYR D 116 -25.59 22.69 -20.40
CA TYR D 116 -26.73 22.31 -19.56
C TYR D 116 -27.52 21.14 -20.12
N ALA D 117 -28.18 20.42 -19.23
CA ALA D 117 -29.01 19.30 -19.63
C ALA D 117 -30.23 19.29 -18.73
N TYR D 118 -31.37 18.95 -19.30
CA TYR D 118 -32.60 18.86 -18.54
C TYR D 118 -33.11 17.44 -18.75
N ASP D 119 -33.35 16.74 -17.65
CA ASP D 119 -33.80 15.36 -17.67
C ASP D 119 -32.96 14.46 -18.57
N GLY D 120 -31.65 14.62 -18.50
CA GLY D 120 -30.75 13.78 -19.28
C GLY D 120 -30.51 14.14 -20.74
N CYS D 121 -31.11 15.24 -21.21
CA CYS D 121 -30.94 15.66 -22.61
C CYS D 121 -30.35 17.06 -22.71
N ASP D 122 -29.49 17.27 -23.71
CA ASP D 122 -28.87 18.57 -23.91
C ASP D 122 -29.94 19.66 -23.87
N TYR D 123 -29.62 20.77 -23.22
CA TYR D 123 -30.56 21.87 -23.12
C TYR D 123 -29.97 23.06 -23.87
N ILE D 124 -28.85 23.57 -23.37
CA ILE D 124 -28.17 24.70 -23.99
C ILE D 124 -26.68 24.59 -23.67
N ALA D 125 -25.84 25.11 -24.56
CA ALA D 125 -24.40 25.04 -24.36
C ALA D 125 -23.68 26.21 -25.02
N LEU D 126 -22.60 26.65 -24.38
CA LEU D 126 -21.80 27.73 -24.92
C LEU D 126 -20.91 27.14 -26.00
N ASN D 127 -20.91 27.75 -27.19
CA ASN D 127 -20.10 27.28 -28.31
C ASN D 127 -18.62 27.56 -28.06
N GLU D 128 -17.76 26.88 -28.82
CA GLU D 128 -16.32 27.05 -28.68
C GLU D 128 -15.88 28.51 -28.77
N ASP D 129 -16.48 29.26 -29.68
CA ASP D 129 -16.11 30.67 -29.82
C ASP D 129 -16.32 31.43 -28.52
N LEU D 130 -17.04 30.81 -27.59
CA LEU D 130 -17.33 31.41 -26.30
C LEU D 130 -18.09 32.72 -26.47
N LYS D 131 -18.91 32.79 -27.51
CA LYS D 131 -19.68 34.00 -27.78
C LYS D 131 -21.13 33.71 -28.14
N THR D 132 -21.38 32.53 -28.70
CA THR D 132 -22.73 32.15 -29.10
C THR D 132 -23.22 30.91 -28.39
N TRP D 133 -24.54 30.71 -28.40
CA TRP D 133 -25.16 29.57 -27.74
C TRP D 133 -25.85 28.63 -28.73
N THR D 134 -25.92 27.35 -28.34
CA THR D 134 -26.60 26.34 -29.15
C THR D 134 -27.73 25.78 -28.29
N ALA D 135 -28.97 26.08 -28.67
CA ALA D 135 -30.12 25.60 -27.94
C ALA D 135 -30.58 24.27 -28.55
N ALA D 136 -30.95 23.33 -27.70
CA ALA D 136 -31.37 22.00 -28.16
C ALA D 136 -32.85 21.90 -28.51
N ASP D 137 -33.69 22.73 -27.88
CA ASP D 137 -35.11 22.69 -28.16
C ASP D 137 -35.74 24.08 -28.02
N MET D 138 -37.04 24.17 -28.25
CA MET D 138 -37.73 25.46 -28.18
C MET D 138 -37.61 26.14 -26.82
N ALA D 139 -37.65 25.36 -25.74
CA ALA D 139 -37.55 25.93 -24.40
C ALA D 139 -36.19 26.60 -24.24
N ALA D 140 -35.15 25.92 -24.69
CA ALA D 140 -33.79 26.44 -24.60
C ALA D 140 -33.64 27.77 -25.34
N LEU D 141 -34.46 27.97 -26.37
CA LEU D 141 -34.40 29.21 -27.14
C LEU D 141 -34.77 30.41 -26.24
N ILE D 142 -35.69 30.20 -25.32
CA ILE D 142 -36.10 31.26 -24.40
C ILE D 142 -34.90 31.68 -23.56
N THR D 143 -34.18 30.70 -23.03
CA THR D 143 -32.99 30.96 -22.22
C THR D 143 -31.92 31.61 -23.09
N LYS D 144 -31.74 31.08 -24.30
CA LYS D 144 -30.74 31.60 -25.23
C LYS D 144 -30.97 33.10 -25.45
N HIS D 145 -32.21 33.48 -25.71
CA HIS D 145 -32.53 34.88 -25.94
C HIS D 145 -32.20 35.75 -24.72
N LYS D 146 -32.58 35.30 -23.53
CA LYS D 146 -32.30 36.07 -22.33
C LYS D 146 -30.79 36.22 -22.10
N TRP D 147 -30.05 35.13 -22.30
CA TRP D 147 -28.59 35.18 -22.10
C TRP D 147 -27.87 36.03 -23.16
N GLU D 148 -28.41 36.10 -24.37
CA GLU D 148 -27.77 36.91 -25.41
C GLU D 148 -27.94 38.38 -25.05
N GLN D 149 -29.11 38.72 -24.53
CA GLN D 149 -29.41 40.10 -24.13
C GLN D 149 -28.60 40.54 -22.91
N ALA D 150 -28.45 39.64 -21.94
CA ALA D 150 -27.71 39.96 -20.73
C ALA D 150 -26.20 39.84 -20.92
N GLY D 151 -25.78 39.40 -22.10
CA GLY D 151 -24.36 39.25 -22.35
C GLY D 151 -23.75 38.17 -21.47
N GLU D 152 -24.49 37.10 -21.26
CA GLU D 152 -24.02 35.99 -20.42
C GLU D 152 -22.74 35.35 -20.99
N ALA D 153 -22.66 35.23 -22.31
CA ALA D 153 -21.49 34.64 -22.93
C ALA D 153 -20.23 35.40 -22.55
N GLU D 154 -20.34 36.73 -22.51
CA GLU D 154 -19.20 37.58 -22.17
C GLU D 154 -18.79 37.36 -20.71
N ARG D 155 -19.77 37.19 -19.84
CA ARG D 155 -19.53 36.96 -18.42
C ARG D 155 -18.79 35.63 -18.23
N LEU D 156 -19.23 34.61 -18.95
CA LEU D 156 -18.61 33.30 -18.86
C LEU D 156 -17.21 33.29 -19.46
N ARG D 157 -17.03 34.01 -20.57
CA ARG D 157 -15.73 34.06 -21.21
C ARG D 157 -14.73 34.67 -20.23
N ALA D 158 -15.14 35.73 -19.54
CA ALA D 158 -14.28 36.39 -18.58
C ALA D 158 -13.89 35.39 -17.49
N TYR D 159 -14.86 34.61 -17.03
CA TYR D 159 -14.64 33.60 -16.01
C TYR D 159 -13.70 32.50 -16.50
N LEU D 160 -14.01 31.96 -17.67
CA LEU D 160 -13.23 30.87 -18.25
C LEU D 160 -11.80 31.25 -18.60
N GLU D 161 -11.59 32.45 -19.11
CA GLU D 161 -10.25 32.88 -19.48
C GLU D 161 -9.43 33.37 -18.29
N GLY D 162 -10.12 33.84 -17.26
CA GLY D 162 -9.42 34.35 -16.10
C GLY D 162 -9.50 33.48 -14.86
N THR D 163 -10.51 33.75 -14.05
CA THR D 163 -10.75 33.00 -12.81
C THR D 163 -10.53 31.49 -12.91
N CYS D 164 -11.24 30.84 -13.83
CA CYS D 164 -11.12 29.40 -13.98
C CYS D 164 -9.65 28.96 -14.14
N VAL D 165 -8.97 29.53 -15.13
CA VAL D 165 -7.58 29.21 -15.40
C VAL D 165 -6.68 29.51 -14.20
N GLU D 166 -6.87 30.68 -13.59
CA GLU D 166 -6.08 31.08 -12.42
C GLU D 166 -6.23 30.12 -11.28
N TRP D 167 -7.46 29.73 -10.95
CA TRP D 167 -7.67 28.79 -9.86
C TRP D 167 -7.10 27.41 -10.20
N LEU D 168 -7.20 27.03 -11.47
CA LEU D 168 -6.68 25.74 -11.90
C LEU D 168 -5.17 25.70 -11.59
N ARG D 169 -4.48 26.77 -11.98
CA ARG D 169 -3.05 26.88 -11.75
C ARG D 169 -2.78 26.68 -10.26
N ARG D 170 -3.56 27.36 -9.44
CA ARG D 170 -3.43 27.28 -7.99
C ARG D 170 -3.64 25.87 -7.45
N TYR D 171 -4.67 25.18 -7.96
CA TYR D 171 -4.95 23.82 -7.50
C TYR D 171 -3.83 22.87 -7.86
N LEU D 172 -3.42 22.88 -9.14
CA LEU D 172 -2.35 22.02 -9.62
C LEU D 172 -1.09 22.20 -8.77
N LYS D 173 -0.89 23.42 -8.29
CA LYS D 173 0.28 23.74 -7.48
C LYS D 173 0.32 22.86 -6.24
N ASN D 174 -0.83 22.65 -5.61
CA ASN D 174 -0.90 21.85 -4.41
C ASN D 174 -1.24 20.38 -4.68
N GLY D 175 -1.78 20.09 -5.86
CA GLY D 175 -2.16 18.72 -6.17
C GLY D 175 -1.35 18.01 -7.24
N ASN D 176 -0.46 18.74 -7.91
CA ASN D 176 0.36 18.17 -8.98
C ASN D 176 0.94 16.80 -8.67
N ALA D 177 1.66 16.70 -7.56
CA ALA D 177 2.28 15.44 -7.16
C ALA D 177 1.28 14.32 -6.98
N THR D 178 0.15 14.61 -6.36
CA THR D 178 -0.88 13.59 -6.15
C THR D 178 -1.54 13.22 -7.47
N LEU D 179 -1.83 14.22 -8.28
CA LEU D 179 -2.47 14.00 -9.58
C LEU D 179 -1.62 13.12 -10.51
N LEU D 180 -0.31 13.31 -10.48
CA LEU D 180 0.61 12.54 -11.32
C LEU D 180 0.71 11.08 -10.90
N ARG D 181 0.02 10.74 -9.82
CA ARG D 181 0.02 9.37 -9.29
C ARG D 181 -0.18 8.34 -10.39
N THR D 182 0.59 7.27 -10.32
CA THR D 182 0.49 6.21 -11.31
C THR D 182 0.70 4.84 -10.66
N ASP D 183 -0.26 3.95 -10.82
CA ASP D 183 -0.16 2.59 -10.29
C ASP D 183 -0.22 1.65 -11.48
N SER D 184 0.87 0.93 -11.73
CA SER D 184 0.91 0.03 -12.87
C SER D 184 0.03 -1.19 -12.65
N PRO D 185 -0.52 -1.74 -13.73
CA PRO D 185 -1.37 -2.92 -13.55
C PRO D 185 -0.56 -4.18 -13.28
N LYS D 186 -1.20 -5.12 -12.62
CA LYS D 186 -0.61 -6.42 -12.35
C LYS D 186 -1.52 -7.29 -13.20
N ALA D 187 -0.95 -8.04 -14.14
CA ALA D 187 -1.76 -8.86 -15.02
C ALA D 187 -1.46 -10.34 -14.95
N HIS D 188 -2.46 -11.14 -15.31
CA HIS D 188 -2.36 -12.59 -15.34
C HIS D 188 -3.44 -13.12 -16.25
N VAL D 189 -3.26 -14.33 -16.75
CA VAL D 189 -4.25 -14.94 -17.64
C VAL D 189 -4.92 -16.15 -16.99
N THR D 190 -6.24 -16.20 -17.05
CA THR D 190 -6.95 -17.35 -16.51
C THR D 190 -7.46 -18.19 -17.66
N HIS D 191 -7.72 -19.46 -17.37
CA HIS D 191 -8.16 -20.44 -18.36
C HIS D 191 -9.52 -20.99 -17.91
N HIS D 192 -10.49 -20.98 -18.81
CA HIS D 192 -11.84 -21.44 -18.50
C HIS D 192 -12.40 -22.28 -19.63
N SER D 193 -13.27 -23.22 -19.28
CA SER D 193 -13.86 -24.07 -20.30
C SER D 193 -15.02 -24.89 -19.80
N ARG D 194 -15.93 -25.19 -20.72
CA ARG D 194 -17.09 -26.02 -20.44
C ARG D 194 -16.78 -27.22 -21.32
N PRO D 195 -17.07 -28.44 -20.86
CA PRO D 195 -16.81 -29.66 -21.63
C PRO D 195 -17.07 -29.52 -23.13
N GLU D 196 -16.08 -28.96 -23.84
CA GLU D 196 -16.18 -28.73 -25.28
C GLU D 196 -14.77 -28.70 -25.87
N ASP D 197 -14.65 -28.42 -27.17
CA ASP D 197 -13.33 -28.37 -27.81
C ASP D 197 -12.77 -26.96 -27.93
N LYS D 198 -13.36 -26.02 -27.18
CA LYS D 198 -12.91 -24.64 -27.17
C LYS D 198 -12.63 -24.26 -25.73
N VAL D 199 -11.86 -23.19 -25.52
CA VAL D 199 -11.56 -22.72 -24.18
C VAL D 199 -11.51 -21.20 -24.19
N THR D 200 -11.71 -20.60 -23.03
CA THR D 200 -11.67 -19.16 -22.92
C THR D 200 -10.42 -18.73 -22.17
N LEU D 201 -9.69 -17.78 -22.73
CA LEU D 201 -8.50 -17.24 -22.09
C LEU D 201 -8.90 -15.82 -21.72
N ARG D 202 -8.76 -15.49 -20.44
CA ARG D 202 -9.14 -14.16 -19.97
C ARG D 202 -7.93 -13.45 -19.41
N CYS D 203 -7.65 -12.27 -19.96
CA CYS D 203 -6.50 -11.49 -19.53
C CYS D 203 -6.93 -10.42 -18.56
N TRP D 204 -6.40 -10.49 -17.34
CA TRP D 204 -6.74 -9.54 -16.29
C TRP D 204 -5.70 -8.47 -16.01
N ALA D 205 -6.17 -7.23 -15.84
CA ALA D 205 -5.32 -6.10 -15.48
C ALA D 205 -5.94 -5.62 -14.16
N LEU D 206 -5.15 -5.63 -13.09
CA LEU D 206 -5.61 -5.25 -11.77
C LEU D 206 -4.77 -4.23 -11.03
N GLY D 207 -5.41 -3.49 -10.13
CA GLY D 207 -4.75 -2.50 -9.30
C GLY D 207 -4.10 -1.33 -10.01
N PHE D 208 -4.60 -0.94 -11.17
CA PHE D 208 -3.98 0.18 -11.88
C PHE D 208 -4.70 1.51 -11.70
N TYR D 209 -3.94 2.58 -11.95
CA TYR D 209 -4.44 3.95 -11.87
C TYR D 209 -3.49 4.83 -12.69
N PRO D 210 -4.04 5.76 -13.49
CA PRO D 210 -5.47 6.05 -13.68
C PRO D 210 -6.20 4.95 -14.46
N ALA D 211 -7.50 5.15 -14.66
CA ALA D 211 -8.34 4.16 -15.34
C ALA D 211 -7.97 3.85 -16.79
N ASP D 212 -7.44 4.82 -17.50
CA ASP D 212 -7.08 4.62 -18.90
C ASP D 212 -6.14 3.43 -19.08
N ILE D 213 -6.57 2.45 -19.87
CA ILE D 213 -5.76 1.28 -20.13
C ILE D 213 -6.24 0.63 -21.42
N THR D 214 -5.41 -0.22 -22.00
CA THR D 214 -5.80 -0.93 -23.21
C THR D 214 -5.33 -2.37 -23.11
N LEU D 215 -6.22 -3.30 -23.41
CA LEU D 215 -5.91 -4.72 -23.39
C LEU D 215 -6.19 -5.26 -24.78
N THR D 216 -5.28 -6.07 -25.29
CA THR D 216 -5.48 -6.68 -26.60
C THR D 216 -5.01 -8.12 -26.58
N TRP D 217 -5.54 -8.91 -27.49
CA TRP D 217 -5.13 -10.30 -27.63
C TRP D 217 -4.57 -10.42 -29.06
N GLN D 218 -3.48 -11.15 -29.21
CA GLN D 218 -2.89 -11.33 -30.51
C GLN D 218 -2.73 -12.81 -30.82
N LEU D 219 -3.00 -13.18 -32.07
CA LEU D 219 -2.81 -14.55 -32.53
C LEU D 219 -1.54 -14.44 -33.35
N ASN D 220 -0.47 -15.06 -32.87
CA ASN D 220 0.83 -14.99 -33.54
C ASN D 220 1.15 -13.50 -33.76
N GLY D 221 0.98 -13.02 -34.98
CA GLY D 221 1.26 -11.62 -35.26
C GLY D 221 0.09 -10.80 -35.79
N GLU D 222 -0.92 -10.59 -34.95
CA GLU D 222 -2.10 -9.83 -35.34
C GLU D 222 -3.09 -9.68 -34.18
N GLU D 223 -3.71 -8.51 -34.08
CA GLU D 223 -4.67 -8.22 -33.02
C GLU D 223 -6.07 -8.79 -33.24
N LEU D 224 -6.57 -9.53 -32.26
CA LEU D 224 -7.88 -10.14 -32.34
C LEU D 224 -8.92 -9.18 -31.77
N ILE D 225 -9.42 -8.29 -32.61
CA ILE D 225 -10.41 -7.30 -32.18
C ILE D 225 -11.85 -7.70 -32.53
N GLN D 226 -12.03 -8.30 -33.70
CA GLN D 226 -13.35 -8.69 -34.15
C GLN D 226 -14.12 -9.59 -33.18
N ASP D 227 -13.46 -10.57 -32.59
CA ASP D 227 -14.13 -11.47 -31.65
C ASP D 227 -13.48 -11.56 -30.27
N MET D 228 -13.39 -10.44 -29.58
CA MET D 228 -12.80 -10.40 -28.25
C MET D 228 -13.79 -9.77 -27.28
N GLU D 229 -14.03 -10.44 -26.16
CA GLU D 229 -14.96 -9.91 -25.16
C GLU D 229 -14.17 -8.99 -24.22
N LEU D 230 -14.72 -7.82 -23.95
CA LEU D 230 -14.05 -6.84 -23.12
C LEU D 230 -15.03 -6.16 -22.18
N VAL D 231 -14.72 -6.10 -20.88
CA VAL D 231 -15.62 -5.42 -19.94
C VAL D 231 -15.17 -3.98 -19.78
N GLU D 232 -16.11 -3.12 -19.43
CA GLU D 232 -15.79 -1.73 -19.21
C GLU D 232 -14.90 -1.67 -17.96
N THR D 233 -13.94 -0.76 -17.97
CA THR D 233 -13.03 -0.57 -16.84
C THR D 233 -13.88 -0.24 -15.62
N ARG D 234 -13.55 -0.86 -14.49
CA ARG D 234 -14.33 -0.68 -13.28
C ARG D 234 -13.45 -0.45 -12.05
N PRO D 235 -13.97 0.30 -11.06
CA PRO D 235 -13.22 0.58 -9.85
C PRO D 235 -13.19 -0.62 -8.90
N ALA D 236 -12.04 -0.86 -8.28
CA ALA D 236 -11.94 -1.97 -7.33
C ALA D 236 -12.55 -1.51 -6.00
N GLY D 237 -12.66 -0.20 -5.84
CA GLY D 237 -13.21 0.37 -4.63
C GLY D 237 -12.17 0.90 -3.67
N ASP D 238 -10.90 0.68 -3.99
CA ASP D 238 -9.79 1.13 -3.17
C ASP D 238 -8.99 2.21 -3.87
N GLY D 239 -9.56 2.77 -4.94
CA GLY D 239 -8.86 3.81 -5.67
C GLY D 239 -8.20 3.31 -6.95
N THR D 240 -8.13 1.99 -7.14
CA THR D 240 -7.53 1.45 -8.35
C THR D 240 -8.62 0.85 -9.23
N PHE D 241 -8.27 0.50 -10.46
CA PHE D 241 -9.24 -0.04 -11.40
C PHE D 241 -8.89 -1.44 -11.86
N GLN D 242 -9.85 -2.05 -12.56
CA GLN D 242 -9.71 -3.40 -13.08
C GLN D 242 -10.31 -3.46 -14.47
N LYS D 243 -9.89 -4.46 -15.23
CA LYS D 243 -10.40 -4.68 -16.56
C LYS D 243 -9.91 -6.02 -17.06
N TRP D 244 -10.68 -6.65 -17.93
CA TRP D 244 -10.23 -7.90 -18.53
C TRP D 244 -10.72 -7.98 -19.96
N ALA D 245 -10.03 -8.82 -20.74
CA ALA D 245 -10.36 -9.05 -22.13
C ALA D 245 -10.18 -10.54 -22.31
N SER D 246 -11.13 -11.18 -22.98
CA SER D 246 -11.03 -12.62 -23.20
C SER D 246 -11.30 -13.00 -24.65
N VAL D 247 -10.83 -14.18 -25.03
CA VAL D 247 -11.02 -14.70 -26.37
C VAL D 247 -11.28 -16.20 -26.26
N VAL D 248 -12.03 -16.75 -27.21
CA VAL D 248 -12.30 -18.17 -27.21
C VAL D 248 -11.33 -18.76 -28.23
N VAL D 249 -10.59 -19.79 -27.82
CA VAL D 249 -9.62 -20.39 -28.73
C VAL D 249 -9.75 -21.90 -28.74
N PRO D 250 -9.16 -22.56 -29.75
CA PRO D 250 -9.24 -24.02 -29.83
C PRO D 250 -8.46 -24.68 -28.70
N LEU D 251 -9.02 -25.76 -28.16
CA LEU D 251 -8.37 -26.50 -27.09
C LEU D 251 -7.02 -26.97 -27.62
N GLY D 252 -5.95 -26.72 -26.86
CA GLY D 252 -4.64 -27.12 -27.29
C GLY D 252 -3.85 -26.04 -28.02
N LYS D 253 -4.51 -24.95 -28.39
CA LYS D 253 -3.84 -23.86 -29.10
C LYS D 253 -3.59 -22.63 -28.23
N GLU D 254 -3.75 -22.77 -26.92
CA GLU D 254 -3.57 -21.65 -26.00
C GLU D 254 -2.24 -20.91 -26.13
N GLN D 255 -1.16 -21.64 -26.43
CA GLN D 255 0.16 -21.01 -26.55
C GLN D 255 0.35 -20.15 -27.80
N TYR D 256 -0.62 -20.16 -28.70
CA TYR D 256 -0.55 -19.38 -29.93
C TYR D 256 -1.07 -17.97 -29.70
N TYR D 257 -1.61 -17.71 -28.51
CA TYR D 257 -2.17 -16.41 -28.19
C TYR D 257 -1.41 -15.67 -27.11
N THR D 258 -1.35 -14.35 -27.26
CA THR D 258 -0.65 -13.49 -26.31
C THR D 258 -1.48 -12.26 -25.94
N CYS D 259 -1.48 -11.91 -24.66
CA CYS D 259 -2.20 -10.73 -24.21
C CYS D 259 -1.23 -9.58 -24.03
N HIS D 260 -1.67 -8.38 -24.40
CA HIS D 260 -0.85 -7.19 -24.26
C HIS D 260 -1.57 -6.14 -23.44
N VAL D 261 -0.87 -5.60 -22.45
CA VAL D 261 -1.43 -4.59 -21.57
C VAL D 261 -0.67 -3.27 -21.72
N TYR D 262 -1.40 -2.21 -22.07
CA TYR D 262 -0.81 -0.89 -22.28
C TYR D 262 -1.34 0.07 -21.22
N HIS D 263 -0.42 0.65 -20.45
CA HIS D 263 -0.80 1.59 -19.39
C HIS D 263 0.36 2.58 -19.17
N GLN D 264 0.02 3.83 -18.94
CA GLN D 264 1.03 4.88 -18.76
C GLN D 264 1.98 4.62 -17.58
N GLY D 265 1.59 3.74 -16.68
CA GLY D 265 2.45 3.44 -15.55
C GLY D 265 3.55 2.45 -15.83
N LEU D 266 3.43 1.74 -16.95
CA LEU D 266 4.42 0.72 -17.31
C LEU D 266 5.62 1.26 -18.08
N PRO D 267 6.83 0.76 -17.75
CA PRO D 267 8.02 1.23 -18.47
C PRO D 267 7.89 0.76 -19.91
N GLU D 268 7.16 -0.34 -20.08
CA GLU D 268 6.89 -0.92 -21.40
C GLU D 268 5.64 -1.79 -21.31
N PRO D 269 4.94 -1.98 -22.44
CA PRO D 269 3.72 -2.81 -22.43
C PRO D 269 3.98 -4.21 -21.91
N LEU D 270 2.99 -4.78 -21.22
CA LEU D 270 3.12 -6.12 -20.69
C LEU D 270 2.68 -7.12 -21.73
N THR D 271 3.42 -8.23 -21.82
CA THR D 271 3.12 -9.31 -22.75
C THR D 271 3.05 -10.59 -21.93
N LEU D 272 1.95 -11.31 -22.04
CA LEU D 272 1.83 -12.57 -21.31
C LEU D 272 0.93 -13.56 -22.01
N ARG D 273 0.99 -14.80 -21.56
CA ARG D 273 0.18 -15.86 -22.16
C ARG D 273 -0.29 -16.80 -21.07
N TRP D 274 -1.17 -17.72 -21.45
CA TRP D 274 -1.67 -18.71 -20.50
C TRP D 274 -0.48 -19.53 -20.02
N GLU D 275 -0.36 -19.67 -18.71
CA GLU D 275 0.74 -20.43 -18.12
C GLU D 275 0.17 -21.54 -17.25
N PRO D 276 0.02 -22.75 -17.81
CA PRO D 276 -0.51 -23.85 -17.01
C PRO D 276 0.45 -24.16 -15.86
N PRO D 277 -0.04 -24.05 -14.61
CA PRO D 277 0.82 -24.33 -13.45
C PRO D 277 1.53 -25.68 -13.56
N PRO D 278 2.77 -25.75 -13.07
CA PRO D 278 3.54 -27.00 -13.13
C PRO D 278 2.85 -28.14 -12.39
N ILE E 1 -36.61 11.31 -21.15
CA ILE E 1 -35.74 10.25 -21.76
C ILE E 1 -34.98 9.51 -20.67
N GLN E 2 -35.28 8.22 -20.52
CA GLN E 2 -34.63 7.40 -19.51
C GLN E 2 -33.51 6.55 -20.08
N LYS E 3 -32.49 6.30 -19.26
CA LYS E 3 -31.36 5.48 -19.68
C LYS E 3 -31.27 4.29 -18.73
N THR E 4 -31.23 3.09 -19.32
CA THR E 4 -31.17 1.84 -18.57
C THR E 4 -29.80 1.57 -17.96
N PRO E 5 -29.76 1.29 -16.66
CA PRO E 5 -28.47 1.02 -16.00
C PRO E 5 -27.74 -0.23 -16.51
N GLN E 6 -26.42 -0.10 -16.60
CA GLN E 6 -25.56 -1.20 -17.00
C GLN E 6 -24.98 -1.62 -15.66
N ILE E 7 -24.84 -2.91 -15.44
CA ILE E 7 -24.38 -3.44 -14.17
C ILE E 7 -23.22 -4.41 -14.23
N GLN E 8 -22.28 -4.28 -13.31
CA GLN E 8 -21.18 -5.23 -13.24
C GLN E 8 -21.08 -5.67 -11.78
N VAL E 9 -21.00 -6.97 -11.55
CA VAL E 9 -20.86 -7.50 -10.20
C VAL E 9 -19.53 -8.24 -10.18
N TYR E 10 -18.67 -7.89 -9.23
CA TYR E 10 -17.34 -8.48 -9.19
C TYR E 10 -16.67 -8.21 -7.86
N SER E 11 -15.62 -8.96 -7.57
CA SER E 11 -14.89 -8.81 -6.31
C SER E 11 -13.75 -7.82 -6.45
N ARG E 12 -13.38 -7.20 -5.33
CA ARG E 12 -12.28 -6.25 -5.33
C ARG E 12 -10.97 -7.00 -5.57
N HIS E 13 -10.87 -8.18 -4.96
CA HIS E 13 -9.67 -9.00 -5.10
C HIS E 13 -10.02 -10.33 -5.73
N PRO E 14 -9.03 -11.02 -6.33
CA PRO E 14 -9.33 -12.32 -6.93
C PRO E 14 -9.97 -13.15 -5.83
N PRO E 15 -11.08 -13.84 -6.14
CA PRO E 15 -11.75 -14.64 -5.12
C PRO E 15 -10.99 -15.89 -4.69
N GLU E 16 -10.98 -16.11 -3.40
CA GLU E 16 -10.34 -17.27 -2.79
C GLU E 16 -11.31 -17.75 -1.72
N ASN E 17 -11.82 -18.97 -1.87
CA ASN E 17 -12.77 -19.50 -0.90
C ASN E 17 -12.24 -19.41 0.53
N GLY E 18 -13.06 -18.88 1.43
CA GLY E 18 -12.67 -18.75 2.82
C GLY E 18 -11.91 -17.50 3.22
N LYS E 19 -11.46 -16.71 2.23
CA LYS E 19 -10.73 -15.49 2.54
C LYS E 19 -11.60 -14.24 2.35
N PRO E 20 -11.69 -13.39 3.38
CA PRO E 20 -12.49 -12.17 3.31
C PRO E 20 -12.19 -11.38 2.05
N ASN E 21 -13.22 -10.74 1.49
CA ASN E 21 -13.06 -9.98 0.26
C ASN E 21 -14.14 -8.89 0.25
N ILE E 22 -14.29 -8.20 -0.88
CA ILE E 22 -15.30 -7.16 -1.02
C ILE E 22 -16.02 -7.43 -2.34
N LEU E 23 -17.34 -7.45 -2.29
CA LEU E 23 -18.11 -7.68 -3.50
C LEU E 23 -18.67 -6.33 -3.93
N ASN E 24 -18.46 -5.99 -5.20
CA ASN E 24 -18.91 -4.74 -5.79
C ASN E 24 -20.04 -4.90 -6.78
N CYS E 25 -20.89 -3.88 -6.84
CA CYS E 25 -21.97 -3.80 -7.81
C CYS E 25 -21.81 -2.40 -8.39
N TYR E 26 -21.21 -2.32 -9.57
CA TYR E 26 -20.96 -1.06 -10.24
C TYR E 26 -22.10 -0.81 -11.21
N VAL E 27 -22.82 0.28 -10.98
CA VAL E 27 -23.97 0.62 -11.81
C VAL E 27 -23.71 1.94 -12.52
N THR E 28 -23.84 1.92 -13.84
CA THR E 28 -23.55 3.09 -14.66
C THR E 28 -24.60 3.35 -15.73
N GLN E 29 -24.40 4.45 -16.45
CA GLN E 29 -25.24 4.86 -17.58
C GLN E 29 -26.74 4.99 -17.34
N PHE E 30 -27.16 5.32 -16.12
CA PHE E 30 -28.59 5.44 -15.88
C PHE E 30 -29.08 6.87 -15.72
N HIS E 31 -30.38 7.07 -15.94
CA HIS E 31 -31.01 8.37 -15.82
C HIS E 31 -32.50 8.07 -15.84
N PRO E 32 -33.29 8.65 -14.91
CA PRO E 32 -32.96 9.57 -13.82
C PRO E 32 -32.01 9.02 -12.75
N PRO E 33 -31.51 9.89 -11.86
CA PRO E 33 -30.58 9.50 -10.79
C PRO E 33 -31.16 8.62 -9.69
N HIS E 34 -32.47 8.69 -9.46
CA HIS E 34 -33.06 7.86 -8.41
C HIS E 34 -32.91 6.40 -8.79
N ILE E 35 -32.32 5.62 -7.89
CA ILE E 35 -32.12 4.21 -8.15
C ILE E 35 -32.06 3.42 -6.84
N GLU E 36 -32.52 2.18 -6.88
CA GLU E 36 -32.53 1.31 -5.71
C GLU E 36 -31.65 0.10 -6.00
N ILE E 37 -30.63 -0.09 -5.18
CA ILE E 37 -29.69 -1.18 -5.36
C ILE E 37 -29.65 -2.07 -4.13
N GLN E 38 -29.78 -3.37 -4.34
CA GLN E 38 -29.70 -4.33 -3.25
C GLN E 38 -28.73 -5.40 -3.67
N MET E 39 -28.07 -6.01 -2.69
CA MET E 39 -27.14 -7.10 -2.98
C MET E 39 -27.75 -8.29 -2.27
N LEU E 40 -27.74 -9.44 -2.93
CA LEU E 40 -28.34 -10.65 -2.38
C LEU E 40 -27.37 -11.81 -2.18
N LYS E 41 -27.59 -12.57 -1.11
CA LYS E 41 -26.78 -13.74 -0.82
C LYS E 41 -27.75 -14.92 -0.79
N ASN E 42 -27.60 -15.83 -1.75
CA ASN E 42 -28.47 -16.99 -1.87
C ASN E 42 -29.95 -16.59 -1.92
N GLY E 43 -30.23 -15.49 -2.61
CA GLY E 43 -31.61 -15.03 -2.75
C GLY E 43 -32.13 -14.13 -1.65
N LYS E 44 -31.36 -14.00 -0.57
CA LYS E 44 -31.79 -13.17 0.56
C LYS E 44 -31.03 -11.85 0.62
N LYS E 45 -31.76 -10.76 0.82
CA LYS E 45 -31.15 -9.44 0.88
C LYS E 45 -30.04 -9.34 1.93
N ILE E 46 -28.96 -8.67 1.55
CA ILE E 46 -27.81 -8.46 2.43
C ILE E 46 -28.02 -7.11 3.12
N PRO E 47 -28.15 -7.12 4.45
CA PRO E 47 -28.35 -5.88 5.22
C PRO E 47 -27.30 -4.79 5.06
N LYS E 48 -26.05 -5.12 5.34
CA LYS E 48 -24.97 -4.13 5.27
C LYS E 48 -24.36 -3.93 3.88
N VAL E 49 -24.90 -2.97 3.14
CA VAL E 49 -24.38 -2.67 1.80
C VAL E 49 -24.06 -1.18 1.76
N GLU E 50 -22.79 -0.85 1.51
CA GLU E 50 -22.36 0.54 1.43
C GLU E 50 -22.53 1.11 0.04
N MET E 51 -22.82 2.40 -0.04
CA MET E 51 -23.02 3.10 -1.30
C MET E 51 -22.05 4.26 -1.47
N SER E 52 -21.37 4.35 -2.60
CA SER E 52 -20.48 5.48 -2.81
C SER E 52 -21.37 6.68 -3.14
N ASP E 53 -20.78 7.87 -3.21
CA ASP E 53 -21.57 9.05 -3.56
C ASP E 53 -21.89 8.86 -5.04
N MET E 54 -22.92 9.52 -5.53
CA MET E 54 -23.26 9.38 -6.94
C MET E 54 -22.60 10.47 -7.75
N SER E 55 -22.21 10.14 -8.98
CA SER E 55 -21.57 11.08 -9.87
C SER E 55 -22.21 10.90 -11.23
N PHE E 56 -21.89 11.77 -12.19
CA PHE E 56 -22.42 11.60 -13.54
C PHE E 56 -21.31 11.89 -14.54
N SER E 57 -21.43 11.29 -15.73
CA SER E 57 -20.41 11.45 -16.76
C SER E 57 -20.73 12.51 -17.81
N LYS E 58 -19.80 12.72 -18.75
CA LYS E 58 -20.00 13.72 -19.78
C LYS E 58 -21.25 13.53 -20.64
N ASP E 59 -21.78 12.31 -20.67
CA ASP E 59 -22.99 12.05 -21.45
C ASP E 59 -24.24 12.24 -20.58
N TRP E 60 -24.04 12.82 -19.40
CA TRP E 60 -25.09 13.12 -18.42
C TRP E 60 -25.58 11.93 -17.56
N SER E 61 -25.24 10.71 -17.95
CA SER E 61 -25.69 9.55 -17.18
C SER E 61 -24.96 9.43 -15.86
N PHE E 62 -25.66 8.90 -14.87
CA PHE E 62 -25.10 8.73 -13.53
C PHE E 62 -24.43 7.39 -13.30
N TYR E 63 -23.60 7.31 -12.27
CA TYR E 63 -22.94 6.06 -11.92
C TYR E 63 -22.71 6.04 -10.42
N ILE E 64 -22.64 4.84 -9.87
CA ILE E 64 -22.47 4.67 -8.43
C ILE E 64 -21.93 3.28 -8.16
N LEU E 65 -21.24 3.11 -7.03
CA LEU E 65 -20.68 1.82 -6.67
C LEU E 65 -21.23 1.37 -5.32
N ALA E 66 -21.81 0.18 -5.31
CA ALA E 66 -22.33 -0.41 -4.09
C ALA E 66 -21.36 -1.54 -3.77
N HIS E 67 -21.12 -1.77 -2.49
CA HIS E 67 -20.22 -2.85 -2.12
C HIS E 67 -20.55 -3.40 -0.74
N THR E 68 -20.07 -4.62 -0.47
CA THR E 68 -20.34 -5.26 0.80
C THR E 68 -19.21 -6.25 1.10
N GLU E 69 -18.91 -6.42 2.38
CA GLU E 69 -17.86 -7.36 2.78
C GLU E 69 -18.43 -8.77 2.65
N PHE E 70 -17.62 -9.69 2.16
CA PHE E 70 -18.08 -11.06 2.02
C PHE E 70 -16.91 -12.01 1.98
N THR E 71 -17.17 -13.27 2.27
CA THR E 71 -16.16 -14.30 2.24
C THR E 71 -16.71 -15.36 1.32
N PRO E 72 -16.27 -15.37 0.06
CA PRO E 72 -16.75 -16.35 -0.92
C PRO E 72 -16.50 -17.81 -0.54
N THR E 73 -17.45 -18.67 -0.92
CA THR E 73 -17.34 -20.11 -0.68
C THR E 73 -17.63 -20.75 -2.02
N GLU E 74 -17.41 -22.05 -2.13
CA GLU E 74 -17.64 -22.73 -3.40
C GLU E 74 -19.10 -22.78 -3.83
N THR E 75 -20.03 -22.76 -2.88
CA THR E 75 -21.45 -22.86 -3.23
C THR E 75 -22.37 -21.67 -2.98
N ASP E 76 -21.89 -20.64 -2.29
CA ASP E 76 -22.74 -19.47 -2.04
C ASP E 76 -22.93 -18.63 -3.30
N THR E 77 -24.16 -18.21 -3.56
CA THR E 77 -24.47 -17.41 -4.73
C THR E 77 -24.72 -15.95 -4.35
N TYR E 78 -24.15 -15.04 -5.11
CA TYR E 78 -24.35 -13.62 -4.86
C TYR E 78 -24.90 -12.92 -6.09
N ALA E 79 -25.64 -11.85 -5.85
CA ALA E 79 -26.23 -11.09 -6.93
C ALA E 79 -26.49 -9.67 -6.52
N CYS E 80 -26.70 -8.83 -7.52
CA CYS E 80 -27.01 -7.43 -7.32
C CYS E 80 -28.33 -7.20 -8.03
N ARG E 81 -29.28 -6.58 -7.34
CA ARG E 81 -30.58 -6.32 -7.95
C ARG E 81 -30.79 -4.82 -8.00
N VAL E 82 -31.15 -4.33 -9.17
CA VAL E 82 -31.34 -2.90 -9.36
C VAL E 82 -32.75 -2.57 -9.83
N LYS E 83 -33.37 -1.61 -9.17
CA LYS E 83 -34.70 -1.16 -9.53
C LYS E 83 -34.53 0.27 -10.03
N HIS E 84 -34.95 0.52 -11.26
CA HIS E 84 -34.82 1.84 -11.86
C HIS E 84 -35.99 2.14 -12.79
N ASP E 85 -36.42 3.38 -12.77
CA ASP E 85 -37.55 3.87 -13.56
C ASP E 85 -37.50 3.44 -15.03
N SER E 86 -36.30 3.22 -15.55
CA SER E 86 -36.10 2.84 -16.94
C SER E 86 -36.52 1.41 -17.26
N MET E 87 -36.69 0.58 -16.23
CA MET E 87 -37.06 -0.81 -16.44
C MET E 87 -38.40 -1.16 -15.79
N ALA E 88 -39.19 -1.97 -16.51
CA ALA E 88 -40.50 -2.39 -16.04
C ALA E 88 -40.37 -3.19 -14.74
N GLU E 89 -39.29 -3.96 -14.64
CA GLU E 89 -39.04 -4.77 -13.47
C GLU E 89 -37.57 -4.70 -13.05
N PRO E 90 -37.30 -4.97 -11.75
CA PRO E 90 -35.93 -4.93 -11.22
C PRO E 90 -35.04 -5.90 -11.99
N LYS E 91 -33.80 -5.50 -12.25
CA LYS E 91 -32.87 -6.34 -12.97
C LYS E 91 -31.90 -6.97 -11.98
N THR E 92 -31.74 -8.29 -12.08
CA THR E 92 -30.83 -9.00 -11.20
C THR E 92 -29.63 -9.52 -11.97
N VAL E 93 -28.44 -9.23 -11.46
CA VAL E 93 -27.20 -9.69 -12.09
C VAL E 93 -26.42 -10.52 -11.09
N TYR E 94 -26.10 -11.75 -11.47
CA TYR E 94 -25.39 -12.69 -10.61
C TYR E 94 -23.89 -12.59 -10.72
N TRP E 95 -23.22 -12.81 -9.58
CA TRP E 95 -21.77 -12.79 -9.55
C TRP E 95 -21.18 -14.05 -10.17
N ASP E 96 -20.27 -13.85 -11.11
CA ASP E 96 -19.58 -14.96 -11.77
C ASP E 96 -18.14 -14.80 -11.34
N ARG E 97 -17.62 -15.75 -10.56
CA ARG E 97 -16.26 -15.73 -10.04
C ARG E 97 -15.19 -15.64 -11.13
N ASP E 98 -15.56 -15.94 -12.37
CA ASP E 98 -14.59 -15.90 -13.45
C ASP E 98 -14.63 -14.59 -14.24
N MET E 99 -15.44 -13.64 -13.80
CA MET E 99 -15.54 -12.37 -14.49
C MET E 99 -15.43 -11.18 -13.54
N SER F 1 -12.31 27.27 -8.34
CA SER F 1 -13.48 27.99 -7.79
C SER F 1 -14.57 28.01 -8.86
N SER F 2 -15.79 27.67 -8.48
CA SER F 2 -16.89 27.64 -9.43
C SER F 2 -17.48 29.02 -9.69
N ILE F 3 -18.18 29.14 -10.82
CA ILE F 3 -18.80 30.40 -11.18
C ILE F 3 -20.20 30.44 -10.58
N GLU F 4 -20.78 31.64 -10.48
CA GLU F 4 -22.13 31.80 -9.97
C GLU F 4 -22.98 31.65 -11.24
N PHE F 5 -23.91 30.70 -11.24
CA PHE F 5 -24.74 30.50 -12.43
C PHE F 5 -25.86 31.52 -12.59
N ALA F 6 -26.24 31.77 -13.84
CA ALA F 6 -27.32 32.69 -14.14
C ALA F 6 -28.61 31.88 -14.21
N ARG F 7 -29.76 32.56 -14.15
CA ARG F 7 -31.06 31.90 -14.21
C ARG F 7 -31.43 31.50 -15.64
N LEU F 8 -32.12 30.37 -15.80
CA LEU F 8 -32.53 29.91 -17.12
C LEU F 8 -33.82 30.63 -17.52
#